data_6LQ5
#
_entry.id   6LQ5
#
_cell.length_a   98.206
_cell.length_b   206.793
_cell.length_c   74.071
_cell.angle_alpha   90.000
_cell.angle_beta   90.000
_cell.angle_gamma   90.000
#
_symmetry.space_group_name_H-M   'P 21 21 2'
#
loop_
_entity.id
_entity.type
_entity.pdbx_description
1 polymer 'Acyl-CoA dehydrogenase'
2 non-polymer 'FLAVIN-ADENINE DINUCLEOTIDE'
3 non-polymer 'PALMITIC ACID'
4 non-polymer 'COENZYME A'
5 water water
#
_entity_poly.entity_id   1
_entity_poly.type   'polypeptide(L)'
_entity_poly.pdbx_seq_one_letter_code
;MSHYKSNVRDQVFNLFEVFGVDKVLGADKFSDLDADTAREMLTEIARLAEGPIAESFVEGDRNPPVFDPETHTVTLPEGF
KKSMRALFDGGWDKVGLAEHLGGIPMPRALQWALIEHILGANPAAYMYAMGPGMSEIFYNNGTDEQKKWATIAAERGWGA
TMVLTEPDAGSDVGAGRTKAVQQPDGTWHIEGVKRFITSADSDDLFENIMHLVLARPEGAGPGTKGLSLFFVPKFHFDHE
TGEIGERNGVFVTNVEHKMGLKVSATCELSLGQHGIPAVGWLVGEVHNGIAQMFDVIEQARMMVGTKAIATLSTGYLNAL
EYAKERVQGADMTQMTDKTAPRVTITHHPDVRRSLMTQKAYAEGLRAIYLYTATFQDAEVAQAVHGVDGDLAARVNDLLL
PIVKGFGSETAYAKLTESLQTLGGSGFLQDYPIEQYIRDSKIDSLYAGTTAIQAQDFFFRKIIRDKGQALAYVAGEIEQF
IKNENGNGRLKTERELLATALADVQGMAASLTGYLMAAQEDAASIYKVGLGSVRFLMAVGDLLSGWLLARQAAVAIEKLD
AGATGADKSFYEGKIAAASFFAKNMLPLLTSTRQIIENLDNDVMELDEAAF
;
_entity_poly.pdbx_strand_id   A,B
#
# COMPACT_ATOMS: atom_id res chain seq x y z
N MET A 1 -3.39 -23.05 11.15
CA MET A 1 -2.75 -23.18 12.45
C MET A 1 -2.49 -21.79 13.07
N SER A 2 -1.26 -21.33 12.95
CA SER A 2 -0.95 -19.97 13.29
C SER A 2 -1.14 -19.09 12.05
N HIS A 3 -0.95 -17.78 12.21
CA HIS A 3 -0.95 -16.92 11.02
C HIS A 3 0.17 -17.27 10.05
N TYR A 4 1.29 -17.79 10.54
CA TYR A 4 2.51 -17.89 9.72
C TYR A 4 2.50 -19.17 8.85
N LYS A 5 2.55 -19.02 7.53
CA LYS A 5 2.63 -20.16 6.63
C LYS A 5 3.99 -20.13 5.96
N SER A 6 4.80 -21.17 6.22
CA SER A 6 6.20 -21.22 5.80
C SER A 6 6.30 -21.95 4.46
N ASN A 7 7.49 -21.86 3.84
CA ASN A 7 7.71 -22.55 2.57
C ASN A 7 9.14 -23.12 2.53
N VAL A 8 9.41 -24.11 3.40
CA VAL A 8 10.69 -24.80 3.38
C VAL A 8 10.93 -25.47 2.03
N ARG A 9 9.87 -26.01 1.41
CA ARG A 9 10.05 -26.69 0.12
C ARG A 9 10.71 -25.77 -0.90
N ASP A 10 10.26 -24.53 -0.97
CA ASP A 10 10.83 -23.63 -1.95
C ASP A 10 12.25 -23.23 -1.56
N GLN A 11 12.53 -23.11 -0.25
CA GLN A 11 13.88 -22.79 0.19
C GLN A 11 14.86 -23.90 -0.21
N VAL A 12 14.50 -25.16 0.07
CA VAL A 12 15.37 -26.29 -0.22
C VAL A 12 15.55 -26.42 -1.73
N PHE A 13 14.46 -26.20 -2.48
CA PHE A 13 14.56 -26.22 -3.94
C PHE A 13 15.60 -25.22 -4.40
N ASN A 14 15.51 -23.97 -3.93
CA ASN A 14 16.51 -22.96 -4.29
C ASN A 14 17.90 -23.39 -3.88
N LEU A 15 18.08 -23.75 -2.60
CA LEU A 15 19.40 -23.97 -2.03
C LEU A 15 20.12 -25.13 -2.71
N PHE A 16 19.40 -26.20 -2.98
CA PHE A 16 20.00 -27.45 -3.46
C PHE A 16 19.84 -27.59 -4.97
N GLU A 17 18.60 -27.56 -5.47
CA GLU A 17 18.37 -27.86 -6.88
C GLU A 17 18.73 -26.72 -7.81
N VAL A 18 18.77 -25.48 -7.36
CA VAL A 18 19.03 -24.34 -8.23
C VAL A 18 20.45 -23.83 -8.09
N PHE A 19 20.87 -23.51 -6.87
CA PHE A 19 22.17 -22.90 -6.61
C PHE A 19 23.25 -23.91 -6.18
N GLY A 20 22.87 -25.12 -5.79
CA GLY A 20 23.85 -26.14 -5.43
C GLY A 20 24.64 -25.87 -4.17
N VAL A 21 24.04 -25.21 -3.18
CA VAL A 21 24.74 -24.92 -1.94
C VAL A 21 25.11 -26.22 -1.21
N ASP A 22 24.33 -27.28 -1.38
CA ASP A 22 24.71 -28.55 -0.78
C ASP A 22 26.08 -29.06 -1.25
N LYS A 23 26.62 -28.54 -2.37
CA LYS A 23 27.97 -28.93 -2.80
C LYS A 23 29.07 -28.55 -1.81
N VAL A 24 28.85 -27.55 -0.93
CA VAL A 24 29.88 -27.20 0.07
C VAL A 24 29.60 -27.81 1.43
N LEU A 25 28.42 -28.40 1.62
CA LEU A 25 28.07 -28.94 2.93
C LEU A 25 28.84 -30.23 3.16
N GLY A 26 29.49 -30.34 4.31
CA GLY A 26 30.37 -31.47 4.61
C GLY A 26 31.85 -31.28 4.33
N ALA A 27 32.27 -30.10 3.90
CA ALA A 27 33.67 -29.90 3.50
C ALA A 27 34.19 -28.60 4.08
N ASP A 28 35.42 -28.64 4.58
CA ASP A 28 36.18 -27.48 5.03
C ASP A 28 35.40 -26.75 6.12
N LYS A 29 35.02 -25.48 5.96
CA LYS A 29 34.39 -24.76 7.07
C LYS A 29 33.10 -25.44 7.52
N PHE A 30 32.39 -26.09 6.60
CA PHE A 30 31.12 -26.74 6.94
C PHE A 30 31.24 -28.25 7.07
N SER A 31 32.40 -28.70 7.56
CA SER A 31 32.70 -30.13 7.66
C SER A 31 31.67 -30.89 8.48
N ASP A 32 31.07 -30.25 9.49
CA ASP A 32 30.19 -30.96 10.41
C ASP A 32 28.72 -30.66 10.18
N LEU A 33 28.38 -30.14 9.00
CA LEU A 33 26.99 -29.84 8.66
C LEU A 33 26.70 -30.39 7.28
N ASP A 34 25.98 -31.51 7.22
CA ASP A 34 25.66 -32.12 5.94
C ASP A 34 24.29 -31.66 5.44
N ALA A 35 23.97 -32.11 4.23
CA ALA A 35 22.73 -31.65 3.60
C ALA A 35 21.50 -32.07 4.39
N ASP A 36 21.46 -33.33 4.83
CA ASP A 36 20.32 -33.79 5.63
C ASP A 36 20.14 -32.94 6.89
N THR A 37 21.23 -32.58 7.55
CA THR A 37 21.13 -31.77 8.78
C THR A 37 20.66 -30.35 8.46
N ALA A 38 21.15 -29.76 7.37
CA ALA A 38 20.66 -28.45 6.94
C ALA A 38 19.15 -28.45 6.74
N ARG A 39 18.62 -29.47 6.06
CA ARG A 39 17.19 -29.53 5.81
C ARG A 39 16.40 -29.72 7.10
N GLU A 40 16.90 -30.54 8.02
CA GLU A 40 16.23 -30.74 9.29
C GLU A 40 16.25 -29.47 10.13
N MET A 41 17.32 -28.67 10.01
CA MET A 41 17.36 -27.38 10.70
C MET A 41 16.29 -26.41 10.17
N LEU A 42 16.14 -26.35 8.85
CA LEU A 42 15.11 -25.52 8.23
C LEU A 42 13.72 -25.96 8.67
N THR A 43 13.48 -27.27 8.63
CA THR A 43 12.20 -27.79 9.10
C THR A 43 11.97 -27.47 10.58
N GLU A 44 13.00 -27.62 11.41
CA GLU A 44 12.84 -27.35 12.84
C GLU A 44 12.52 -25.88 13.10
N ILE A 45 13.26 -24.95 12.47
CA ILE A 45 12.98 -23.54 12.74
C ILE A 45 11.65 -23.11 12.13
N ALA A 46 11.24 -23.72 11.01
CA ALA A 46 9.93 -23.43 10.45
C ALA A 46 8.84 -23.80 11.46
N ARG A 47 9.01 -24.91 12.16
CA ARG A 47 7.99 -25.34 13.14
C ARG A 47 8.02 -24.44 14.37
N LEU A 48 9.23 -24.03 14.78
CA LEU A 48 9.35 -23.05 15.86
C LEU A 48 8.67 -21.75 15.46
N ALA A 49 8.89 -21.31 14.22
CA ALA A 49 8.28 -20.07 13.75
C ALA A 49 6.75 -20.22 13.72
N GLU A 50 6.26 -21.33 13.16
CA GLU A 50 4.81 -21.50 13.08
C GLU A 50 4.19 -21.69 14.47
N GLY A 51 4.96 -22.20 15.43
CA GLY A 51 4.44 -22.51 16.75
C GLY A 51 4.60 -21.33 17.67
N PRO A 52 5.59 -21.40 18.58
CA PRO A 52 5.67 -20.40 19.66
C PRO A 52 6.03 -18.99 19.20
N ILE A 53 6.76 -18.82 18.08
CA ILE A 53 7.10 -17.46 17.64
C ILE A 53 5.87 -16.74 17.09
N ALA A 54 5.15 -17.39 16.16
CA ALA A 54 3.93 -16.80 15.62
C ALA A 54 2.84 -16.66 16.68
N GLU A 55 2.94 -17.37 17.79
CA GLU A 55 1.84 -17.39 18.76
C GLU A 55 1.54 -16.00 19.30
N SER A 56 2.57 -15.14 19.41
CA SER A 56 2.37 -13.80 19.96
C SER A 56 2.40 -12.69 18.90
N PHE A 57 2.28 -13.03 17.63
CA PHE A 57 2.27 -12.01 16.56
C PHE A 57 1.17 -10.98 16.80
N VAL A 58 -0.06 -11.45 16.94
CA VAL A 58 -1.18 -10.56 17.17
C VAL A 58 -1.03 -9.83 18.50
N GLU A 59 -0.63 -10.55 19.56
CA GLU A 59 -0.58 -9.95 20.90
C GLU A 59 0.38 -8.75 20.94
N GLY A 60 1.57 -8.88 20.31
CA GLY A 60 2.53 -7.76 20.31
C GLY A 60 1.99 -6.54 19.58
N ASP A 61 1.09 -6.75 18.59
CA ASP A 61 0.43 -5.63 17.92
C ASP A 61 -0.73 -5.05 18.75
N ARG A 62 -1.57 -5.90 19.36
CA ARG A 62 -2.74 -5.40 20.09
C ARG A 62 -2.43 -4.91 21.49
N ASN A 63 -1.34 -5.38 22.08
CA ASN A 63 -0.96 -5.04 23.47
C ASN A 63 0.50 -4.59 23.45
N PRO A 64 0.77 -3.45 22.82
CA PRO A 64 2.16 -3.06 22.48
C PRO A 64 2.98 -2.62 23.68
N PRO A 65 4.29 -2.48 23.52
CA PRO A 65 5.17 -2.06 24.65
C PRO A 65 4.76 -0.72 25.25
N VAL A 66 5.11 -0.55 26.52
CA VAL A 66 4.75 0.63 27.29
C VAL A 66 6.04 1.21 27.88
N PHE A 67 6.25 2.51 27.70
CA PHE A 67 7.37 3.21 28.29
C PHE A 67 7.03 3.59 29.72
N ASP A 68 7.97 3.39 30.64
CA ASP A 68 7.78 3.75 32.06
C ASP A 68 8.72 4.92 32.38
N PRO A 69 8.22 6.16 32.45
CA PRO A 69 9.09 7.29 32.81
C PRO A 69 9.61 7.23 34.27
N GLU A 70 9.03 6.39 35.14
CA GLU A 70 9.52 6.29 36.50
C GLU A 70 10.86 5.57 36.58
N THR A 71 11.14 4.72 35.60
CA THR A 71 12.37 3.93 35.58
C THR A 71 13.14 4.07 34.28
N HIS A 72 12.61 4.78 33.28
CA HIS A 72 13.28 4.87 31.97
C HIS A 72 13.56 3.47 31.41
N THR A 73 12.51 2.67 31.40
CA THR A 73 12.53 1.32 30.83
C THR A 73 11.26 1.11 30.00
N VAL A 74 11.22 0.02 29.25
CA VAL A 74 10.08 -0.38 28.44
C VAL A 74 9.64 -1.75 28.94
N THR A 75 8.32 -1.99 29.01
CA THR A 75 7.79 -3.29 29.39
C THR A 75 7.18 -3.95 28.14
N LEU A 76 7.42 -5.23 27.97
CA LEU A 76 6.98 -5.95 26.76
C LEU A 76 5.83 -6.90 27.14
N PRO A 77 4.89 -7.17 26.24
CA PRO A 77 3.81 -8.11 26.59
C PRO A 77 4.35 -9.51 26.87
N GLU A 78 3.78 -10.14 27.90
CA GLU A 78 4.30 -11.41 28.42
C GLU A 78 4.34 -12.48 27.34
N GLY A 79 3.31 -12.54 26.47
CA GLY A 79 3.31 -13.57 25.44
C GLY A 79 4.49 -13.43 24.48
N PHE A 80 4.87 -12.19 24.17
CA PHE A 80 6.00 -11.97 23.29
C PHE A 80 7.31 -12.39 23.95
N LYS A 81 7.43 -12.13 25.26
CA LYS A 81 8.64 -12.57 25.95
C LYS A 81 8.72 -14.09 26.00
N LYS A 82 7.56 -14.76 26.15
CA LYS A 82 7.56 -16.22 26.00
C LYS A 82 8.09 -16.66 24.62
N SER A 83 7.66 -15.98 23.54
CA SER A 83 8.24 -16.29 22.21
C SER A 83 9.75 -16.06 22.16
N MET A 84 10.22 -14.94 22.73
CA MET A 84 11.66 -14.71 22.76
C MET A 84 12.35 -15.85 23.48
N ARG A 85 11.80 -16.30 24.61
CA ARG A 85 12.45 -17.40 25.34
C ARG A 85 12.51 -18.67 24.50
N ALA A 86 11.49 -18.92 23.66
CA ALA A 86 11.57 -20.13 22.82
C ALA A 86 12.69 -19.97 21.80
N LEU A 87 12.92 -18.76 21.33
CA LEU A 87 13.99 -18.53 20.36
C LEU A 87 15.34 -18.80 21.00
N PHE A 88 15.54 -18.28 22.21
CA PHE A 88 16.82 -18.42 22.90
C PHE A 88 17.07 -19.85 23.33
N ASP A 89 16.04 -20.49 23.91
CA ASP A 89 16.18 -21.85 24.44
C ASP A 89 16.60 -22.84 23.35
N GLY A 90 16.22 -22.58 22.10
CA GLY A 90 16.71 -23.42 21.02
C GLY A 90 18.03 -22.99 20.40
N GLY A 91 18.66 -21.93 20.93
CA GLY A 91 19.91 -21.47 20.35
C GLY A 91 19.79 -20.73 19.03
N TRP A 92 18.58 -20.40 18.61
CA TRP A 92 18.42 -19.80 17.29
C TRP A 92 19.00 -18.40 17.19
N ASP A 93 19.33 -17.75 18.30
CA ASP A 93 20.03 -16.46 18.20
C ASP A 93 21.54 -16.60 17.93
N LYS A 94 22.02 -17.80 17.59
CA LYS A 94 23.40 -18.04 17.22
C LYS A 94 23.51 -18.70 15.84
N VAL A 95 22.52 -18.42 14.98
CA VAL A 95 22.50 -18.92 13.61
C VAL A 95 23.62 -18.26 12.82
N GLY A 96 24.56 -19.07 12.33
CA GLY A 96 25.68 -18.48 11.63
C GLY A 96 26.61 -17.62 12.47
N LEU A 97 26.44 -17.62 13.79
CA LEU A 97 27.46 -17.05 14.66
C LEU A 97 28.78 -17.83 14.49
N ALA A 98 29.90 -17.11 14.59
CA ALA A 98 31.20 -17.74 14.55
C ALA A 98 31.31 -18.84 15.61
N GLU A 99 32.04 -19.90 15.25
CA GLU A 99 32.19 -21.03 16.16
C GLU A 99 32.85 -20.63 17.48
N HIS A 100 33.84 -19.74 17.44
CA HIS A 100 34.50 -19.32 18.67
C HIS A 100 33.61 -18.50 19.61
N LEU A 101 32.50 -17.95 19.12
CA LEU A 101 31.49 -17.31 19.95
C LEU A 101 30.36 -18.24 20.33
N GLY A 102 30.40 -19.49 19.89
CA GLY A 102 29.36 -20.44 20.24
C GLY A 102 28.40 -20.80 19.12
N GLY A 103 28.66 -20.36 17.89
CA GLY A 103 27.75 -20.62 16.79
C GLY A 103 28.02 -21.96 16.13
N ILE A 104 27.20 -22.24 15.13
CA ILE A 104 27.31 -23.40 14.25
C ILE A 104 27.67 -22.89 12.87
N PRO A 105 28.86 -23.22 12.34
CA PRO A 105 29.25 -22.70 11.02
C PRO A 105 28.31 -23.22 9.94
N MET A 106 27.89 -22.32 9.05
CA MET A 106 27.00 -22.70 7.96
C MET A 106 27.11 -21.66 6.86
N PRO A 107 26.74 -22.02 5.62
CA PRO A 107 26.69 -21.03 4.54
C PRO A 107 25.71 -19.91 4.87
N ARG A 108 26.08 -18.68 4.47
CA ARG A 108 25.19 -17.54 4.69
C ARG A 108 23.83 -17.78 4.03
N ALA A 109 23.81 -18.43 2.87
CA ALA A 109 22.55 -18.77 2.20
C ALA A 109 21.64 -19.62 3.06
N LEU A 110 22.20 -20.60 3.80
CA LEU A 110 21.40 -21.34 4.78
C LEU A 110 21.00 -20.45 5.95
N GLN A 111 21.94 -19.65 6.46
CA GLN A 111 21.61 -18.80 7.59
C GLN A 111 20.37 -17.94 7.29
N TRP A 112 20.38 -17.23 6.14
CA TRP A 112 19.24 -16.33 5.87
C TRP A 112 17.94 -17.09 5.61
N ALA A 113 18.01 -18.30 5.03
CA ALA A 113 16.78 -19.11 4.90
C ALA A 113 16.21 -19.47 6.28
N LEU A 114 17.08 -19.77 7.26
CA LEU A 114 16.61 -20.06 8.62
C LEU A 114 15.93 -18.82 9.21
N ILE A 115 16.56 -17.65 9.03
CA ILE A 115 16.09 -16.40 9.62
C ILE A 115 14.78 -15.94 8.98
N GLU A 116 14.59 -16.25 7.70
CA GLU A 116 13.33 -15.94 7.01
C GLU A 116 12.10 -16.38 7.83
N HIS A 117 12.18 -17.56 8.46
CA HIS A 117 11.03 -18.07 9.22
C HIS A 117 10.70 -17.21 10.42
N ILE A 118 11.71 -16.75 11.15
CA ILE A 118 11.42 -15.84 12.26
C ILE A 118 10.84 -14.53 11.74
N LEU A 119 11.42 -14.00 10.64
CA LEU A 119 10.93 -12.74 10.09
C LEU A 119 9.49 -12.86 9.55
N GLY A 120 9.12 -14.03 9.03
CA GLY A 120 7.74 -14.23 8.62
C GLY A 120 6.78 -14.33 9.80
N ALA A 121 7.22 -14.94 10.91
CA ALA A 121 6.31 -15.28 11.99
C ALA A 121 6.11 -14.14 12.98
N ASN A 122 7.16 -13.37 13.25
CA ASN A 122 7.17 -12.28 14.24
C ASN A 122 8.49 -11.54 14.09
N PRO A 123 8.65 -10.64 13.11
CA PRO A 123 10.01 -10.19 12.76
C PRO A 123 10.70 -9.40 13.89
N ALA A 124 9.95 -8.73 14.77
CA ALA A 124 10.60 -8.04 15.88
C ALA A 124 11.38 -9.00 16.77
N ALA A 125 10.93 -10.27 16.84
CA ALA A 125 11.65 -11.24 17.68
C ALA A 125 13.08 -11.45 17.18
N TYR A 126 13.29 -11.54 15.86
CA TYR A 126 14.65 -11.65 15.36
C TYR A 126 15.44 -10.38 15.66
N MET A 127 14.79 -9.21 15.53
CA MET A 127 15.50 -7.95 15.78
C MET A 127 15.99 -7.86 17.22
N TYR A 128 15.16 -8.27 18.17
CA TYR A 128 15.63 -8.30 19.56
C TYR A 128 16.75 -9.32 19.77
N ALA A 129 16.85 -10.33 18.91
CA ALA A 129 17.81 -11.42 19.04
C ALA A 129 19.10 -11.15 18.30
N MET A 130 19.34 -9.94 17.82
CA MET A 130 20.50 -9.67 16.96
C MET A 130 21.75 -9.34 17.79
N GLY A 131 21.67 -9.48 19.11
CA GLY A 131 22.76 -9.18 20.02
C GLY A 131 24.01 -9.99 19.73
N PRO A 132 23.90 -11.33 19.74
CA PRO A 132 25.10 -12.14 19.47
C PRO A 132 25.73 -11.81 18.12
N GLY A 133 24.91 -11.56 17.07
CA GLY A 133 25.50 -11.15 15.80
C GLY A 133 26.21 -9.82 15.88
N MET A 134 25.73 -8.92 16.73
CA MET A 134 26.43 -7.65 16.90
C MET A 134 27.71 -7.84 17.71
N SER A 135 27.72 -8.76 18.67
CA SER A 135 28.96 -9.08 19.39
C SER A 135 30.02 -9.58 18.44
N GLU A 136 29.62 -10.34 17.41
CA GLU A 136 30.60 -10.81 16.44
C GLU A 136 31.23 -9.64 15.69
N ILE A 137 30.41 -8.66 15.26
CA ILE A 137 30.93 -7.49 14.55
C ILE A 137 31.85 -6.68 15.46
N PHE A 138 31.46 -6.50 16.72
CA PHE A 138 32.32 -5.84 17.70
C PHE A 138 33.62 -6.61 17.89
N TYR A 139 33.53 -7.93 18.04
CA TYR A 139 34.72 -8.78 18.05
C TYR A 139 35.63 -8.49 16.85
N ASN A 140 35.08 -8.56 15.64
CA ASN A 140 35.91 -8.42 14.43
C ASN A 140 36.57 -7.06 14.35
N ASN A 141 35.92 -6.02 14.82
CA ASN A 141 36.49 -4.68 14.78
C ASN A 141 37.24 -4.31 16.05
N GLY A 142 37.29 -5.19 17.06
CA GLY A 142 37.75 -4.75 18.36
C GLY A 142 39.24 -4.95 18.57
N THR A 143 39.76 -4.29 19.61
CA THR A 143 41.12 -4.63 20.06
C THR A 143 41.11 -6.01 20.69
N ASP A 144 42.32 -6.49 21.03
CA ASP A 144 42.43 -7.76 21.74
C ASP A 144 41.66 -7.73 23.06
N GLU A 145 41.79 -6.64 23.83
CA GLU A 145 41.02 -6.53 25.07
C GLU A 145 39.52 -6.56 24.79
N GLN A 146 39.07 -5.81 23.79
CA GLN A 146 37.65 -5.70 23.44
C GLN A 146 37.08 -7.03 22.96
N LYS A 147 37.89 -7.85 22.26
CA LYS A 147 37.47 -9.19 21.86
C LYS A 147 37.08 -10.05 23.06
N LYS A 148 37.74 -9.85 24.21
CA LYS A 148 37.33 -10.56 25.41
C LYS A 148 35.95 -10.10 25.89
N TRP A 149 35.65 -8.81 25.77
CA TRP A 149 34.32 -8.35 26.15
C TRP A 149 33.26 -8.89 25.18
N ALA A 150 33.56 -8.84 23.88
CA ALA A 150 32.58 -9.30 22.90
C ALA A 150 32.28 -10.78 23.07
N THR A 151 33.29 -11.56 23.48
CA THR A 151 33.10 -12.97 23.77
C THR A 151 32.10 -13.17 24.92
N ILE A 152 32.29 -12.45 26.01
CA ILE A 152 31.38 -12.45 27.16
C ILE A 152 29.96 -12.05 26.74
N ALA A 153 29.86 -11.04 25.88
CA ALA A 153 28.56 -10.53 25.46
C ALA A 153 27.81 -11.58 24.64
N ALA A 154 28.53 -12.29 23.76
CA ALA A 154 27.94 -13.42 23.03
C ALA A 154 27.51 -14.53 23.99
N GLU A 155 28.40 -14.90 24.91
CA GLU A 155 28.14 -16.04 25.80
C GLU A 155 26.96 -15.76 26.72
N ARG A 156 26.86 -14.53 27.24
CA ARG A 156 25.74 -14.12 28.08
C ARG A 156 24.49 -13.73 27.29
N GLY A 157 24.55 -13.67 25.96
CA GLY A 157 23.37 -13.31 25.17
C GLY A 157 22.82 -11.90 25.37
N TRP A 158 23.69 -10.92 25.60
CA TRP A 158 23.28 -9.53 25.70
C TRP A 158 22.58 -9.08 24.43
N GLY A 159 21.58 -8.21 24.60
CA GLY A 159 21.00 -7.51 23.47
C GLY A 159 21.96 -6.48 22.88
N ALA A 160 21.52 -5.85 21.79
CA ALA A 160 22.37 -4.85 21.12
C ALA A 160 21.50 -3.89 20.34
N THR A 161 22.07 -2.71 20.09
CA THR A 161 21.44 -1.70 19.26
C THR A 161 22.48 -1.12 18.32
N MET A 162 22.00 -0.50 17.24
CA MET A 162 22.81 0.31 16.36
C MET A 162 22.27 1.73 16.43
N VAL A 163 23.12 2.66 16.84
CA VAL A 163 22.69 3.97 17.28
C VAL A 163 23.34 5.03 16.39
N LEU A 164 22.62 5.45 15.34
CA LEU A 164 23.07 6.47 14.39
C LEU A 164 22.16 7.69 14.40
N THR A 165 20.86 7.48 14.26
CA THR A 165 19.95 8.54 13.82
C THR A 165 19.73 9.57 14.92
N GLU A 166 19.60 10.82 14.52
CA GLU A 166 19.24 11.94 15.39
C GLU A 166 18.09 12.69 14.75
N PRO A 167 17.44 13.62 15.50
CA PRO A 167 16.32 14.37 14.87
C PRO A 167 16.67 15.04 13.55
N ASP A 168 17.89 15.57 13.42
CA ASP A 168 18.30 16.27 12.22
C ASP A 168 19.22 15.42 11.33
N ALA A 169 19.44 14.16 11.65
CA ALA A 169 20.42 13.34 10.92
C ALA A 169 19.85 11.95 10.77
N GLY A 170 19.15 11.71 9.65
CA GLY A 170 18.65 10.38 9.36
C GLY A 170 19.30 9.84 8.11
N SER A 171 18.79 10.19 6.92
CA SER A 171 19.52 9.81 5.70
C SER A 171 20.93 10.41 5.70
N ASP A 172 21.09 11.64 6.20
CA ASP A 172 22.39 12.33 6.22
C ASP A 172 23.05 12.07 7.57
N VAL A 173 23.60 10.85 7.71
CA VAL A 173 24.21 10.42 8.97
C VAL A 173 25.31 11.39 9.37
N GLY A 174 26.02 11.93 8.38
CA GLY A 174 27.15 12.82 8.66
C GLY A 174 26.79 14.14 9.29
N ALA A 175 25.51 14.52 9.32
CA ALA A 175 25.12 15.73 10.02
C ALA A 175 24.98 15.53 11.53
N GLY A 176 25.22 14.32 12.03
CA GLY A 176 25.09 14.07 13.46
C GLY A 176 25.94 14.99 14.32
N ARG A 177 25.39 15.36 15.49
CA ARG A 177 26.06 16.24 16.45
C ARG A 177 26.32 15.61 17.82
N THR A 178 25.86 14.40 18.08
CA THR A 178 26.28 13.69 19.30
C THR A 178 27.83 13.73 19.41
N LYS A 179 28.32 14.08 20.61
CA LYS A 179 29.73 14.40 20.84
C LYS A 179 30.40 13.30 21.66
N ALA A 180 31.71 13.12 21.47
CA ALA A 180 32.52 12.21 22.27
C ALA A 180 33.67 13.00 22.92
N VAL A 181 33.74 12.97 24.24
CA VAL A 181 34.81 13.68 24.98
C VAL A 181 35.73 12.65 25.64
N GLN A 182 37.01 12.64 25.25
CA GLN A 182 37.92 11.64 25.79
C GLN A 182 38.24 11.94 27.24
N GLN A 183 38.33 10.91 28.04
CA GLN A 183 38.63 11.09 29.46
C GLN A 183 40.09 10.75 29.74
N PRO A 184 40.65 11.21 30.86
CA PRO A 184 42.05 10.87 31.17
C PRO A 184 42.33 9.37 31.10
N ASP A 185 41.40 8.51 31.53
CA ASP A 185 41.65 7.07 31.51
C ASP A 185 41.49 6.44 30.12
N GLY A 186 41.26 7.23 29.07
CA GLY A 186 41.15 6.66 27.76
C GLY A 186 39.75 6.21 27.36
N THR A 187 38.80 6.23 28.29
CA THR A 187 37.39 6.07 27.90
C THR A 187 36.88 7.41 27.36
N TRP A 188 35.63 7.41 26.88
CA TRP A 188 35.00 8.62 26.39
C TRP A 188 33.66 8.86 27.09
N HIS A 189 33.24 10.13 27.16
CA HIS A 189 31.88 10.44 27.60
C HIS A 189 31.09 10.87 26.37
N ILE A 190 29.98 10.17 26.12
CA ILE A 190 29.18 10.41 24.94
C ILE A 190 28.01 11.29 25.32
N GLU A 191 27.75 12.34 24.54
CA GLU A 191 26.74 13.33 24.91
C GLU A 191 25.88 13.63 23.70
N GLY A 192 24.60 13.28 23.79
CA GLY A 192 23.70 13.58 22.71
C GLY A 192 22.38 12.86 22.86
N VAL A 193 21.49 13.15 21.92
CA VAL A 193 20.16 12.53 21.86
C VAL A 193 20.04 11.83 20.51
N LYS A 194 19.72 10.55 20.53
CA LYS A 194 19.48 9.78 19.32
C LYS A 194 18.01 9.41 19.24
N ARG A 195 17.53 9.16 18.02
CA ARG A 195 16.09 9.01 17.76
C ARG A 195 15.86 7.75 16.96
N PHE A 196 14.72 7.10 17.19
CA PHE A 196 14.28 5.92 16.44
C PHE A 196 15.20 4.70 16.65
N ILE A 197 15.65 4.46 17.88
CA ILE A 197 16.59 3.35 18.14
C ILE A 197 15.78 2.10 18.47
N THR A 198 15.89 1.11 17.59
CA THR A 198 15.26 -0.19 17.71
C THR A 198 15.87 -0.96 18.89
N SER A 199 14.99 -1.51 19.74
CA SER A 199 15.40 -2.32 20.91
C SER A 199 16.20 -1.53 21.93
N ALA A 200 16.02 -0.21 22.02
CA ALA A 200 16.88 0.58 22.90
C ALA A 200 16.67 0.24 24.37
N ASP A 201 15.47 -0.23 24.71
CA ASP A 201 15.27 -1.00 25.92
C ASP A 201 14.42 -2.21 25.55
N SER A 202 14.55 -3.27 26.34
CA SER A 202 13.86 -4.51 26.04
C SER A 202 13.40 -5.20 27.34
N ASP A 203 12.94 -4.42 28.31
CA ASP A 203 12.31 -5.02 29.51
C ASP A 203 13.34 -5.89 30.22
N ASP A 204 12.97 -7.09 30.67
CA ASP A 204 13.93 -7.97 31.32
C ASP A 204 14.36 -9.13 30.41
N LEU A 205 14.37 -8.92 29.09
CA LEU A 205 14.81 -9.97 28.17
C LEU A 205 16.29 -10.32 28.38
N PHE A 206 17.13 -9.32 28.65
CA PHE A 206 18.58 -9.50 28.74
C PHE A 206 19.13 -8.91 30.02
N GLU A 207 20.34 -9.34 30.41
CA GLU A 207 20.98 -8.73 31.56
C GLU A 207 21.79 -7.48 31.20
N ASN A 208 22.06 -7.23 29.93
CA ASN A 208 22.79 -6.05 29.49
C ASN A 208 22.42 -5.80 28.02
N ILE A 209 22.68 -4.58 27.56
CA ILE A 209 22.51 -4.22 26.15
C ILE A 209 23.77 -3.50 25.71
N MET A 210 24.33 -3.92 24.58
CA MET A 210 25.42 -3.19 23.93
C MET A 210 24.86 -2.19 22.94
N HIS A 211 25.05 -0.91 23.22
CA HIS A 211 24.72 0.12 22.27
C HIS A 211 25.97 0.44 21.45
N LEU A 212 25.89 0.32 20.13
CA LEU A 212 27.01 0.69 19.26
C LEU A 212 26.67 2.06 18.68
N VAL A 213 27.33 3.11 19.17
CA VAL A 213 26.93 4.49 19.00
C VAL A 213 27.91 5.24 18.12
N LEU A 214 27.39 5.94 17.13
CA LEU A 214 28.20 6.85 16.32
C LEU A 214 28.22 8.21 17.01
N ALA A 215 29.41 8.81 17.13
CA ALA A 215 29.51 10.13 17.75
C ALA A 215 30.79 10.80 17.25
N ARG A 216 30.82 12.11 17.35
CA ARG A 216 31.92 12.87 16.77
C ARG A 216 32.87 13.29 17.87
N PRO A 217 34.09 12.75 17.92
CA PRO A 217 35.08 13.21 18.89
C PRO A 217 35.25 14.73 18.82
N GLU A 218 35.37 15.37 19.98
CA GLU A 218 35.67 16.80 20.00
C GLU A 218 36.85 17.08 19.09
N GLY A 219 36.73 18.12 18.27
CA GLY A 219 37.80 18.49 17.36
C GLY A 219 37.81 17.77 16.02
N ALA A 220 37.03 16.70 15.84
CA ALA A 220 37.07 15.97 14.59
C ALA A 220 36.42 16.80 13.48
N GLY A 221 36.66 16.38 12.25
CA GLY A 221 36.12 17.08 11.11
C GLY A 221 34.66 16.75 10.89
N PRO A 222 34.07 17.36 9.84
CA PRO A 222 32.63 17.21 9.58
C PRO A 222 32.27 15.94 8.80
N GLY A 223 30.95 15.70 8.62
CA GLY A 223 30.50 14.61 7.75
C GLY A 223 30.71 13.23 8.37
N THR A 224 30.45 12.21 7.56
CA THR A 224 30.59 10.86 8.10
C THR A 224 32.03 10.50 8.38
N LYS A 225 32.99 11.04 7.60
CA LYS A 225 34.40 10.71 7.84
C LYS A 225 34.87 11.16 9.21
N GLY A 226 34.26 12.19 9.80
CA GLY A 226 34.59 12.57 11.16
C GLY A 226 33.93 11.78 12.29
N LEU A 227 33.10 10.75 12.01
CA LEU A 227 32.45 9.98 13.07
C LEU A 227 33.30 8.80 13.53
N SER A 228 33.18 8.50 14.81
CA SER A 228 33.79 7.33 15.43
C SER A 228 32.69 6.49 16.04
N LEU A 229 33.01 5.22 16.28
CA LEU A 229 32.05 4.25 16.79
C LEU A 229 32.45 3.86 18.19
N PHE A 230 31.46 3.84 19.11
CA PHE A 230 31.71 3.58 20.53
C PHE A 230 30.87 2.43 21.08
N PHE A 231 31.50 1.60 21.90
CA PHE A 231 30.84 0.58 22.68
C PHE A 231 30.30 1.22 23.95
N VAL A 232 28.97 1.34 24.07
CA VAL A 232 28.31 1.99 25.20
C VAL A 232 27.33 1.00 25.81
N PRO A 233 27.70 0.31 26.88
CA PRO A 233 26.81 -0.70 27.45
C PRO A 233 25.79 -0.05 28.37
N LYS A 234 24.62 -0.68 28.46
CA LYS A 234 23.58 -0.19 29.37
C LYS A 234 24.07 -0.23 30.82
N PHE A 235 24.73 -1.31 31.22
CA PHE A 235 25.34 -1.43 32.54
C PHE A 235 26.85 -1.59 32.39
N HIS A 236 27.62 -0.89 33.24
CA HIS A 236 29.04 -1.25 33.36
C HIS A 236 29.17 -2.72 33.76
N PHE A 237 30.32 -3.32 33.45
CA PHE A 237 30.53 -4.71 33.87
C PHE A 237 32.01 -4.95 34.09
N ASP A 238 32.30 -6.05 34.79
CA ASP A 238 33.67 -6.49 35.01
C ASP A 238 34.25 -7.04 33.72
N HIS A 239 35.30 -6.38 33.19
CA HIS A 239 35.89 -6.74 31.90
C HIS A 239 36.51 -8.13 31.88
N GLU A 240 36.78 -8.74 33.03
CA GLU A 240 37.23 -10.13 33.00
C GLU A 240 36.09 -11.12 33.20
N THR A 241 35.25 -10.92 34.21
CA THR A 241 34.25 -11.93 34.55
C THR A 241 32.89 -11.69 33.91
N GLY A 242 32.62 -10.49 33.39
CA GLY A 242 31.29 -10.20 32.89
C GLY A 242 30.27 -9.79 33.95
N GLU A 243 30.62 -9.81 35.24
CA GLU A 243 29.65 -9.49 36.28
C GLU A 243 29.10 -8.07 36.07
N ILE A 244 27.78 -7.94 36.16
CA ILE A 244 27.12 -6.68 35.86
C ILE A 244 27.31 -5.72 37.04
N GLY A 245 27.68 -4.48 36.74
CA GLY A 245 27.85 -3.46 37.77
C GLY A 245 26.88 -2.30 37.62
N GLU A 246 27.41 -1.09 37.74
CA GLU A 246 26.55 0.08 37.87
C GLU A 246 25.93 0.48 36.53
N ARG A 247 24.79 1.13 36.62
CA ARG A 247 24.11 1.65 35.44
C ARG A 247 24.99 2.70 34.78
N ASN A 248 25.08 2.65 33.47
CA ASN A 248 25.76 3.62 32.63
C ASN A 248 24.74 4.63 32.14
N GLY A 249 25.19 5.86 31.80
CA GLY A 249 24.26 6.98 31.59
C GLY A 249 23.60 7.08 30.22
N VAL A 250 22.96 6.00 29.80
CA VAL A 250 22.33 5.91 28.48
C VAL A 250 20.90 5.40 28.70
N PHE A 251 19.90 6.28 28.51
CA PHE A 251 18.54 6.04 28.98
C PHE A 251 17.54 6.29 27.86
N VAL A 252 16.57 5.39 27.71
CA VAL A 252 15.44 5.63 26.84
C VAL A 252 14.54 6.70 27.46
N THR A 253 14.03 7.63 26.64
CA THR A 253 13.15 8.71 27.12
C THR A 253 11.75 8.71 26.52
N ASN A 254 11.45 7.82 25.57
CA ASN A 254 10.14 7.78 24.92
C ASN A 254 10.08 6.48 24.14
N VAL A 255 8.87 6.06 23.80
CA VAL A 255 8.71 4.98 22.82
C VAL A 255 7.73 5.45 21.75
N GLU A 256 8.07 5.23 20.48
CA GLU A 256 7.26 5.75 19.39
C GLU A 256 5.99 4.92 19.20
N HIS A 257 4.93 5.62 18.78
CA HIS A 257 3.66 5.00 18.44
C HIS A 257 3.64 4.89 16.92
N LYS A 258 3.69 3.67 16.42
CA LYS A 258 3.94 3.40 15.02
C LYS A 258 2.76 2.74 14.34
N MET A 259 2.78 2.80 13.01
CA MET A 259 1.72 2.19 12.21
C MET A 259 1.68 0.68 12.44
N GLY A 260 2.86 0.07 12.52
CA GLY A 260 3.04 -1.37 12.62
C GLY A 260 4.35 -1.64 13.30
N LEU A 261 4.77 -2.91 13.25
CA LEU A 261 5.98 -3.36 13.97
C LEU A 261 5.95 -2.88 15.42
N LYS A 262 4.73 -2.86 15.99
CA LYS A 262 4.51 -2.20 17.27
C LYS A 262 5.30 -2.85 18.41
N VAL A 263 5.49 -4.17 18.39
CA VAL A 263 6.18 -4.79 19.53
C VAL A 263 7.69 -4.53 19.51
N SER A 264 8.24 -3.98 18.42
CA SER A 264 9.63 -3.54 18.39
C SER A 264 9.70 -2.15 19.03
N ALA A 265 10.28 -2.05 20.23
CA ALA A 265 10.33 -0.74 20.90
C ALA A 265 11.33 0.16 20.17
N THR A 266 10.85 1.29 19.66
CA THR A 266 11.62 2.25 18.87
C THR A 266 11.71 3.53 19.69
N CYS A 267 12.92 3.88 20.16
CA CYS A 267 13.06 4.73 21.35
C CYS A 267 13.95 5.92 21.09
N GLU A 268 13.58 7.05 21.66
CA GLU A 268 14.56 8.10 21.80
C GLU A 268 15.57 7.68 22.87
N LEU A 269 16.86 7.91 22.59
CA LEU A 269 17.92 7.39 23.45
C LEU A 269 18.82 8.55 23.87
N SER A 270 18.84 8.89 25.16
CA SER A 270 19.64 10.02 25.65
C SER A 270 20.94 9.54 26.24
N LEU A 271 22.04 10.17 25.83
CA LEU A 271 23.38 9.80 26.28
C LEU A 271 23.93 10.96 27.12
N GLY A 272 24.15 10.69 28.41
CA GLY A 272 24.77 11.68 29.27
C GLY A 272 23.87 12.85 29.61
N GLN A 273 22.56 12.66 29.62
CA GLN A 273 21.63 13.77 29.84
C GLN A 273 20.90 13.67 31.17
N HIS A 274 21.12 12.60 31.95
CA HIS A 274 20.34 12.32 33.14
C HIS A 274 21.19 12.29 34.41
N GLY A 275 22.34 12.94 34.39
CA GLY A 275 23.12 13.10 35.59
C GLY A 275 24.29 12.15 35.75
N ILE A 276 24.41 11.13 34.91
CA ILE A 276 25.62 10.30 34.95
C ILE A 276 26.15 10.19 33.54
N PRO A 277 27.46 10.07 33.37
CA PRO A 277 28.01 10.02 32.02
C PRO A 277 27.68 8.70 31.35
N ALA A 278 27.49 8.77 30.03
CA ALA A 278 27.46 7.57 29.20
C ALA A 278 28.89 7.25 28.80
N VAL A 279 29.49 6.27 29.46
CA VAL A 279 30.88 5.92 29.18
C VAL A 279 30.94 5.01 27.95
N GLY A 280 31.80 5.36 27.01
CA GLY A 280 31.98 4.58 25.81
C GLY A 280 33.45 4.25 25.57
N TRP A 281 33.65 3.13 24.87
CA TRP A 281 34.98 2.66 24.50
C TRP A 281 35.09 2.71 22.98
N LEU A 282 36.13 3.40 22.50
CA LEU A 282 36.33 3.54 21.07
C LEU A 282 36.59 2.16 20.44
N VAL A 283 35.77 1.78 19.47
CA VAL A 283 35.86 0.43 18.90
C VAL A 283 37.15 0.27 18.10
N GLY A 284 37.91 -0.79 18.39
CA GLY A 284 39.20 -0.96 17.76
C GLY A 284 40.23 0.08 18.15
N GLU A 285 39.86 0.98 19.07
CA GLU A 285 40.71 2.10 19.46
C GLU A 285 41.24 2.84 18.23
N VAL A 286 40.42 2.92 17.19
CA VAL A 286 40.74 3.76 16.04
C VAL A 286 39.50 4.60 15.70
N HIS A 287 39.75 5.67 14.93
CA HIS A 287 38.71 6.61 14.50
C HIS A 287 38.33 6.25 13.07
N ASN A 288 37.33 5.38 12.94
CA ASN A 288 36.94 4.88 11.63
C ASN A 288 35.46 4.52 11.66
N GLY A 289 34.63 5.45 12.15
CA GLY A 289 33.29 5.06 12.60
C GLY A 289 32.35 4.63 11.48
N ILE A 290 32.27 5.41 10.40
CA ILE A 290 31.22 5.07 9.43
C ILE A 290 31.59 3.79 8.69
N ALA A 291 32.89 3.52 8.51
CA ALA A 291 33.30 2.24 7.93
C ALA A 291 32.93 1.09 8.85
N GLN A 292 33.25 1.20 10.15
CA GLN A 292 32.87 0.18 11.12
C GLN A 292 31.35 -0.02 11.17
N MET A 293 30.60 1.08 11.27
CA MET A 293 29.14 0.94 11.37
C MET A 293 28.56 0.26 10.13
N PHE A 294 29.17 0.47 8.95
CA PHE A 294 28.61 -0.17 7.76
C PHE A 294 28.72 -1.68 7.81
N ASP A 295 29.63 -2.26 8.62
CA ASP A 295 29.53 -3.70 8.84
C ASP A 295 28.15 -4.05 9.40
N VAL A 296 27.63 -3.20 10.28
CA VAL A 296 26.30 -3.46 10.85
C VAL A 296 25.22 -3.12 9.82
N ILE A 297 25.37 -2.00 9.10
CA ILE A 297 24.30 -1.55 8.20
C ILE A 297 24.10 -2.57 7.10
N GLU A 298 25.20 -3.19 6.64
CA GLU A 298 25.07 -4.18 5.59
C GLU A 298 24.18 -5.31 6.02
N GLN A 299 24.38 -5.78 7.25
CA GLN A 299 23.55 -6.86 7.79
C GLN A 299 22.11 -6.40 7.99
N ALA A 300 21.91 -5.19 8.52
CA ALA A 300 20.55 -4.68 8.71
C ALA A 300 19.80 -4.59 7.38
N ARG A 301 20.49 -4.18 6.30
CA ARG A 301 19.81 -4.04 5.01
C ARG A 301 19.43 -5.41 4.45
N MET A 302 20.30 -6.41 4.64
CA MET A 302 19.92 -7.77 4.22
C MET A 302 18.72 -8.26 5.01
N MET A 303 18.73 -8.00 6.32
CA MET A 303 17.66 -8.41 7.19
C MET A 303 16.32 -7.79 6.78
N VAL A 304 16.31 -6.48 6.53
CA VAL A 304 15.08 -5.77 6.21
C VAL A 304 14.50 -6.28 4.90
N GLY A 305 15.35 -6.46 3.88
CA GLY A 305 14.87 -7.01 2.64
C GLY A 305 14.32 -8.42 2.79
N THR A 306 15.02 -9.27 3.53
CA THR A 306 14.54 -10.63 3.76
C THR A 306 13.24 -10.64 4.56
N LYS A 307 13.11 -9.70 5.50
CA LYS A 307 11.86 -9.54 6.26
C LYS A 307 10.68 -9.24 5.34
N ALA A 308 10.82 -8.21 4.50
CA ALA A 308 9.75 -7.86 3.58
C ALA A 308 9.38 -9.07 2.71
N ILE A 309 10.39 -9.81 2.26
CA ILE A 309 10.15 -10.96 1.38
C ILE A 309 9.47 -12.10 2.15
N ALA A 310 9.91 -12.37 3.38
CA ALA A 310 9.24 -13.34 4.22
C ALA A 310 7.77 -12.99 4.45
N THR A 311 7.48 -11.69 4.61
CA THR A 311 6.12 -11.26 4.90
C THR A 311 5.23 -11.41 3.67
N LEU A 312 5.72 -11.00 2.49
CA LEU A 312 4.93 -11.28 1.29
C LEU A 312 4.65 -12.77 1.14
N SER A 313 5.64 -13.62 1.44
CA SER A 313 5.44 -15.06 1.23
C SER A 313 4.31 -15.58 2.11
N THR A 314 4.28 -15.22 3.42
CA THR A 314 3.14 -15.73 4.20
C THR A 314 1.83 -15.00 3.87
N GLY A 315 1.91 -13.74 3.42
CA GLY A 315 0.72 -13.09 2.92
C GLY A 315 0.11 -13.83 1.74
N TYR A 316 0.96 -14.23 0.78
CA TYR A 316 0.49 -14.97 -0.38
C TYR A 316 -0.13 -16.32 0.03
N LEU A 317 0.56 -17.08 0.88
CA LEU A 317 0.06 -18.41 1.22
C LEU A 317 -1.24 -18.33 2.01
N ASN A 318 -1.41 -17.28 2.82
CA ASN A 318 -2.70 -17.04 3.46
C ASN A 318 -3.80 -16.74 2.44
N ALA A 319 -3.54 -15.82 1.51
CA ALA A 319 -4.54 -15.49 0.51
C ALA A 319 -4.88 -16.73 -0.32
N LEU A 320 -3.85 -17.53 -0.69
CA LEU A 320 -4.12 -18.72 -1.51
C LEU A 320 -4.99 -19.73 -0.76
N GLU A 321 -4.69 -19.98 0.52
CA GLU A 321 -5.51 -20.92 1.29
C GLU A 321 -6.94 -20.41 1.43
N TYR A 322 -7.12 -19.10 1.62
CA TYR A 322 -8.47 -18.52 1.67
C TYR A 322 -9.19 -18.70 0.32
N ALA A 323 -8.50 -18.38 -0.78
CA ALA A 323 -9.14 -18.48 -2.09
C ALA A 323 -9.61 -19.90 -2.41
N LYS A 324 -8.85 -20.93 -2.01
CA LYS A 324 -9.23 -22.31 -2.31
C LYS A 324 -10.57 -22.69 -1.67
N GLU A 325 -10.94 -22.01 -0.60
CA GLU A 325 -12.13 -22.37 0.15
C GLU A 325 -13.29 -21.42 -0.06
N ARG A 326 -13.04 -20.20 -0.49
CA ARG A 326 -14.12 -19.22 -0.61
C ARG A 326 -14.96 -19.50 -1.84
N VAL A 327 -16.24 -19.76 -1.63
CA VAL A 327 -17.16 -19.94 -2.75
C VAL A 327 -17.83 -18.61 -3.06
N GLN A 328 -17.77 -18.19 -4.33
CA GLN A 328 -18.46 -16.94 -4.69
C GLN A 328 -18.60 -16.79 -6.20
N GLY A 329 -19.85 -16.73 -6.68
CA GLY A 329 -20.10 -16.48 -8.09
C GLY A 329 -20.08 -17.77 -8.89
N ALA A 330 -20.42 -17.64 -10.17
CA ALA A 330 -20.34 -18.74 -11.11
C ALA A 330 -19.08 -18.63 -11.94
N ASP A 331 -18.70 -19.74 -12.58
CA ASP A 331 -17.60 -19.71 -13.55
C ASP A 331 -17.89 -18.68 -14.63
N MET A 332 -16.87 -17.93 -15.04
CA MET A 332 -17.08 -16.90 -16.05
C MET A 332 -17.68 -17.48 -17.33
N THR A 333 -17.36 -18.75 -17.66
CA THR A 333 -17.97 -19.34 -18.85
C THR A 333 -19.47 -19.54 -18.70
N GLN A 334 -20.03 -19.28 -17.52
CA GLN A 334 -21.46 -19.41 -17.28
C GLN A 334 -22.05 -18.12 -16.73
N MET A 335 -21.38 -16.99 -17.02
CA MET A 335 -21.76 -15.65 -16.54
C MET A 335 -23.25 -15.38 -16.64
N THR A 336 -23.83 -15.64 -17.81
CA THR A 336 -25.19 -15.21 -18.09
C THR A 336 -26.23 -16.14 -17.48
N ASP A 337 -25.83 -17.34 -17.06
CA ASP A 337 -26.74 -18.30 -16.45
C ASP A 337 -26.79 -18.06 -14.93
N LYS A 338 -27.93 -17.56 -14.43
CA LYS A 338 -27.99 -17.19 -13.01
C LYS A 338 -28.31 -18.37 -12.08
N THR A 339 -28.53 -19.57 -12.61
CA THR A 339 -28.63 -20.80 -11.83
C THR A 339 -27.40 -21.69 -12.01
N ALA A 340 -26.34 -21.17 -12.64
CA ALA A 340 -25.11 -21.92 -12.80
C ALA A 340 -24.51 -22.25 -11.43
N PRO A 341 -23.77 -23.37 -11.31
CA PRO A 341 -23.21 -23.75 -10.01
C PRO A 341 -22.23 -22.69 -9.52
N ARG A 342 -22.23 -22.43 -8.21
CA ARG A 342 -21.24 -21.52 -7.63
C ARG A 342 -19.87 -22.21 -7.59
N VAL A 343 -18.79 -21.42 -7.69
CA VAL A 343 -17.43 -21.98 -7.74
C VAL A 343 -16.57 -21.31 -6.67
N THR A 344 -15.47 -21.98 -6.33
CA THR A 344 -14.51 -21.30 -5.46
C THR A 344 -13.75 -20.22 -6.25
N ILE A 345 -13.25 -19.20 -5.56
CA ILE A 345 -12.83 -18.01 -6.31
C ILE A 345 -11.53 -18.24 -7.08
N THR A 346 -10.79 -19.31 -6.79
CA THR A 346 -9.65 -19.63 -7.66
C THR A 346 -10.05 -19.93 -9.10
N HIS A 347 -11.35 -20.15 -9.35
CA HIS A 347 -11.79 -20.29 -10.73
C HIS A 347 -11.89 -18.97 -11.47
N HIS A 348 -11.82 -17.85 -10.78
CA HIS A 348 -12.04 -16.56 -11.45
C HIS A 348 -10.73 -16.04 -12.04
N PRO A 349 -10.74 -15.57 -13.29
CA PRO A 349 -9.50 -15.08 -13.91
C PRO A 349 -8.82 -13.96 -13.11
N ASP A 350 -9.55 -12.98 -12.57
CA ASP A 350 -8.79 -11.91 -11.89
C ASP A 350 -8.09 -12.44 -10.64
N VAL A 351 -8.66 -13.47 -10.00
CA VAL A 351 -8.09 -14.03 -8.79
C VAL A 351 -6.86 -14.87 -9.13
N ARG A 352 -6.96 -15.66 -10.21
CA ARG A 352 -5.77 -16.37 -10.68
C ARG A 352 -4.68 -15.40 -11.11
N ARG A 353 -5.02 -14.34 -11.83
CA ARG A 353 -4.04 -13.28 -12.11
C ARG A 353 -3.43 -12.76 -10.82
N SER A 354 -4.26 -12.44 -9.82
CA SER A 354 -3.72 -11.86 -8.60
C SER A 354 -2.80 -12.86 -7.89
N LEU A 355 -3.23 -14.13 -7.81
CA LEU A 355 -2.44 -15.14 -7.11
C LEU A 355 -1.12 -15.42 -7.82
N MET A 356 -1.14 -15.52 -9.17
CA MET A 356 0.11 -15.78 -9.87
C MET A 356 1.07 -14.60 -9.76
N THR A 357 0.53 -13.37 -9.66
CA THR A 357 1.36 -12.19 -9.43
C THR A 357 2.02 -12.26 -8.06
N GLN A 358 1.22 -12.59 -7.05
CA GLN A 358 1.77 -12.77 -5.71
C GLN A 358 2.81 -13.89 -5.68
N LYS A 359 2.49 -15.02 -6.29
CA LYS A 359 3.40 -16.19 -6.28
C LYS A 359 4.70 -15.87 -7.00
N ALA A 360 4.61 -15.29 -8.21
CA ALA A 360 5.83 -15.04 -8.98
C ALA A 360 6.72 -14.05 -8.26
N TYR A 361 6.13 -13.03 -7.65
CA TYR A 361 7.01 -12.08 -6.99
C TYR A 361 7.58 -12.65 -5.69
N ALA A 362 6.77 -13.38 -4.91
CA ALA A 362 7.28 -13.93 -3.65
C ALA A 362 8.44 -14.89 -3.91
N GLU A 363 8.27 -15.78 -4.89
CA GLU A 363 9.30 -16.78 -5.20
C GLU A 363 10.48 -16.17 -5.94
N GLY A 364 10.23 -15.22 -6.86
CA GLY A 364 11.36 -14.50 -7.45
C GLY A 364 12.18 -13.76 -6.42
N LEU A 365 11.51 -13.11 -5.45
CA LEU A 365 12.23 -12.40 -4.41
C LEU A 365 12.99 -13.35 -3.50
N ARG A 366 12.43 -14.54 -3.23
CA ARG A 366 13.18 -15.50 -2.44
C ARG A 366 14.43 -15.95 -3.19
N ALA A 367 14.29 -16.24 -4.48
CA ALA A 367 15.47 -16.56 -5.29
C ALA A 367 16.52 -15.44 -5.22
N ILE A 368 16.10 -14.17 -5.32
CA ILE A 368 17.07 -13.06 -5.28
C ILE A 368 17.83 -13.02 -3.96
N TYR A 369 17.14 -13.11 -2.79
CA TYR A 369 17.95 -12.98 -1.57
C TYR A 369 18.84 -14.21 -1.35
N LEU A 370 18.38 -15.40 -1.74
CA LEU A 370 19.25 -16.57 -1.64
C LEU A 370 20.44 -16.47 -2.60
N TYR A 371 20.18 -16.04 -3.86
CA TYR A 371 21.27 -15.82 -4.81
C TYR A 371 22.27 -14.81 -4.26
N THR A 372 21.75 -13.69 -3.71
CA THR A 372 22.61 -12.69 -3.11
C THR A 372 23.47 -13.30 -2.03
N ALA A 373 22.86 -14.12 -1.16
CA ALA A 373 23.60 -14.77 -0.09
C ALA A 373 24.64 -15.76 -0.57
N THR A 374 24.49 -16.34 -1.78
CA THR A 374 25.52 -17.25 -2.23
C THR A 374 26.83 -16.52 -2.54
N PHE A 375 26.85 -15.18 -2.55
CA PHE A 375 28.07 -14.38 -2.73
C PHE A 375 28.64 -13.87 -1.43
N GLN A 376 28.01 -14.16 -0.30
CA GLN A 376 28.46 -13.66 1.00
C GLN A 376 29.52 -14.54 1.66
N ASP A 377 29.75 -15.76 1.18
CA ASP A 377 30.88 -16.60 1.59
C ASP A 377 31.79 -16.79 0.39
N ALA A 378 33.10 -16.54 0.58
CA ALA A 378 34.05 -16.80 -0.49
C ALA A 378 33.97 -18.24 -0.97
N GLU A 379 33.85 -19.19 -0.03
CA GLU A 379 33.87 -20.60 -0.41
C GLU A 379 32.62 -21.01 -1.18
N VAL A 380 31.44 -20.55 -0.75
CA VAL A 380 30.24 -20.84 -1.52
C VAL A 380 30.33 -20.21 -2.90
N ALA A 381 30.71 -18.94 -2.96
CA ALA A 381 30.83 -18.23 -4.24
C ALA A 381 31.78 -18.96 -5.17
N GLN A 382 32.95 -19.39 -4.68
CA GLN A 382 33.85 -20.20 -5.51
C GLN A 382 33.17 -21.49 -5.95
N ALA A 383 32.68 -22.28 -4.98
CA ALA A 383 32.09 -23.57 -5.28
C ALA A 383 30.89 -23.50 -6.23
N VAL A 384 29.96 -22.53 -6.05
CA VAL A 384 28.75 -22.59 -6.87
C VAL A 384 28.74 -21.63 -8.06
N HIS A 385 29.64 -20.65 -8.11
CA HIS A 385 29.70 -19.69 -9.22
C HIS A 385 31.05 -19.65 -9.91
N GLY A 386 32.11 -20.18 -9.30
CA GLY A 386 33.43 -20.02 -9.89
C GLY A 386 34.00 -18.62 -9.79
N VAL A 387 33.58 -17.82 -8.81
CA VAL A 387 34.08 -16.46 -8.70
C VAL A 387 34.97 -16.37 -7.48
N ASP A 388 35.98 -15.51 -7.56
CA ASP A 388 36.98 -15.35 -6.52
C ASP A 388 36.46 -14.40 -5.45
N GLY A 389 37.22 -14.20 -4.38
CA GLY A 389 36.69 -13.49 -3.22
C GLY A 389 36.36 -12.03 -3.51
N ASP A 390 37.25 -11.35 -4.25
CA ASP A 390 37.05 -9.93 -4.55
C ASP A 390 35.79 -9.69 -5.40
N LEU A 391 35.62 -10.46 -6.48
CA LEU A 391 34.41 -10.30 -7.30
C LEU A 391 33.16 -10.67 -6.52
N ALA A 392 33.21 -11.76 -5.76
CA ALA A 392 32.11 -12.13 -4.87
C ALA A 392 31.69 -10.95 -3.99
N ALA A 393 32.65 -10.29 -3.34
CA ALA A 393 32.26 -9.22 -2.42
C ALA A 393 31.59 -8.07 -3.18
N ARG A 394 32.08 -7.78 -4.37
CA ARG A 394 31.51 -6.71 -5.19
C ARG A 394 30.10 -7.07 -5.65
N VAL A 395 29.87 -8.33 -5.98
CA VAL A 395 28.54 -8.74 -6.46
C VAL A 395 27.55 -8.72 -5.30
N ASN A 396 27.98 -9.17 -4.12
CA ASN A 396 27.11 -9.09 -2.96
C ASN A 396 26.75 -7.64 -2.66
N ASP A 397 27.74 -6.72 -2.74
CA ASP A 397 27.46 -5.30 -2.50
C ASP A 397 26.52 -4.71 -3.55
N LEU A 398 26.65 -5.15 -4.81
CA LEU A 398 25.70 -4.76 -5.84
C LEU A 398 24.29 -5.20 -5.50
N LEU A 399 24.13 -6.43 -5.00
CA LEU A 399 22.80 -7.00 -4.83
C LEU A 399 22.11 -6.56 -3.55
N LEU A 400 22.85 -6.11 -2.54
CA LEU A 400 22.21 -5.73 -1.29
C LEU A 400 21.13 -4.65 -1.44
N PRO A 401 21.36 -3.53 -2.14
CA PRO A 401 20.25 -2.56 -2.29
C PRO A 401 19.10 -3.10 -3.12
N ILE A 402 19.31 -4.18 -3.88
CA ILE A 402 18.17 -4.83 -4.56
C ILE A 402 17.34 -5.62 -3.55
N VAL A 403 17.99 -6.45 -2.75
CA VAL A 403 17.30 -7.17 -1.67
C VAL A 403 16.50 -6.18 -0.82
N LYS A 404 17.16 -5.09 -0.41
CA LYS A 404 16.53 -4.14 0.50
C LYS A 404 15.52 -3.26 -0.22
N GLY A 405 15.98 -2.55 -1.25
CA GLY A 405 15.12 -1.56 -1.89
C GLY A 405 14.01 -2.17 -2.73
N PHE A 406 14.39 -3.06 -3.65
CA PHE A 406 13.39 -3.73 -4.47
C PHE A 406 12.57 -4.70 -3.64
N GLY A 407 13.21 -5.37 -2.67
CA GLY A 407 12.45 -6.27 -1.80
C GLY A 407 11.36 -5.54 -1.01
N SER A 408 11.74 -4.48 -0.30
CA SER A 408 10.74 -3.80 0.55
C SER A 408 9.61 -3.22 -0.27
N GLU A 409 9.92 -2.58 -1.41
CA GLU A 409 8.85 -1.92 -2.19
C GLU A 409 7.91 -2.94 -2.82
N THR A 410 8.50 -4.01 -3.36
CA THR A 410 7.71 -5.03 -4.03
C THR A 410 6.81 -5.77 -3.04
N ALA A 411 7.34 -6.17 -1.88
CA ALA A 411 6.52 -6.91 -0.91
C ALA A 411 5.31 -6.11 -0.45
N TYR A 412 5.52 -4.85 -0.05
CA TYR A 412 4.38 -4.03 0.39
C TYR A 412 3.37 -3.85 -0.76
N ALA A 413 3.84 -3.58 -1.98
CA ALA A 413 2.93 -3.44 -3.13
C ALA A 413 2.13 -4.74 -3.38
N LYS A 414 2.80 -5.88 -3.35
CA LYS A 414 2.04 -7.10 -3.72
C LYS A 414 1.18 -7.65 -2.59
N LEU A 415 1.47 -7.29 -1.33
CA LEU A 415 0.53 -7.62 -0.25
C LEU A 415 -0.85 -7.01 -0.49
N THR A 416 -0.91 -5.89 -1.21
CA THR A 416 -2.19 -5.33 -1.60
C THR A 416 -3.03 -6.36 -2.36
N GLU A 417 -2.40 -7.14 -3.24
CA GLU A 417 -3.11 -8.22 -3.95
C GLU A 417 -3.53 -9.31 -2.98
N SER A 418 -2.63 -9.70 -2.05
CA SER A 418 -3.00 -10.67 -1.01
C SER A 418 -4.26 -10.24 -0.27
N LEU A 419 -4.29 -9.01 0.23
CA LEU A 419 -5.48 -8.57 0.96
C LEU A 419 -6.72 -8.55 0.06
N GLN A 420 -6.59 -8.06 -1.17
CA GLN A 420 -7.71 -7.98 -2.11
C GLN A 420 -8.35 -9.36 -2.32
N THR A 421 -7.53 -10.41 -2.26
CA THR A 421 -8.03 -11.76 -2.53
C THR A 421 -9.05 -12.19 -1.48
N LEU A 422 -8.97 -11.61 -0.30
CA LEU A 422 -9.93 -11.97 0.75
C LEU A 422 -11.24 -11.19 0.65
N GLY A 423 -11.36 -10.24 -0.27
CA GLY A 423 -12.51 -9.39 -0.29
C GLY A 423 -12.59 -8.56 0.98
N GLY A 424 -13.84 -8.23 1.37
CA GLY A 424 -14.05 -7.39 2.54
C GLY A 424 -13.41 -7.94 3.79
N SER A 425 -13.31 -9.29 3.89
CA SER A 425 -12.68 -9.90 5.05
C SER A 425 -11.19 -9.56 5.16
N GLY A 426 -10.53 -9.20 4.05
CA GLY A 426 -9.11 -8.78 4.11
C GLY A 426 -8.89 -7.53 4.97
N PHE A 427 -9.92 -6.68 5.08
CA PHE A 427 -9.88 -5.46 5.87
C PHE A 427 -10.06 -5.71 7.38
N LEU A 428 -10.30 -6.95 7.81
CA LEU A 428 -10.53 -7.30 9.21
C LEU A 428 -9.23 -7.68 9.88
N GLN A 429 -9.12 -7.34 11.16
CA GLN A 429 -7.95 -7.76 11.93
C GLN A 429 -8.01 -9.26 12.22
N ASP A 430 -9.18 -9.89 11.99
CA ASP A 430 -9.34 -11.33 12.13
C ASP A 430 -8.35 -12.09 11.27
N TYR A 431 -7.94 -11.52 10.14
CA TYR A 431 -6.98 -12.13 9.23
C TYR A 431 -5.66 -11.37 9.35
N PRO A 432 -4.50 -12.01 9.05
CA PRO A 432 -3.22 -11.38 9.36
C PRO A 432 -2.74 -10.42 8.29
N ILE A 433 -3.43 -10.31 7.17
CA ILE A 433 -2.84 -9.57 6.06
C ILE A 433 -2.77 -8.06 6.35
N GLU A 434 -3.77 -7.50 7.01
CA GLU A 434 -3.65 -6.05 7.25
C GLU A 434 -2.50 -5.72 8.20
N GLN A 435 -2.19 -6.62 9.14
CA GLN A 435 -1.01 -6.44 9.97
C GLN A 435 0.29 -6.63 9.17
N TYR A 436 0.35 -7.65 8.30
CA TYR A 436 1.48 -7.77 7.38
C TYR A 436 1.77 -6.42 6.68
N ILE A 437 0.72 -5.78 6.17
CA ILE A 437 0.88 -4.53 5.42
C ILE A 437 1.43 -3.43 6.32
N ARG A 438 0.87 -3.29 7.51
CA ARG A 438 1.35 -2.24 8.42
C ARG A 438 2.76 -2.52 8.90
N ASP A 439 3.04 -3.80 9.21
CA ASP A 439 4.38 -4.19 9.69
C ASP A 439 5.46 -3.99 8.63
N SER A 440 5.09 -4.18 7.34
CA SER A 440 6.09 -4.10 6.27
C SER A 440 6.24 -2.70 5.64
N LYS A 441 5.38 -1.77 6.01
CA LYS A 441 5.50 -0.40 5.44
C LYS A 441 6.85 0.21 5.86
N ILE A 442 7.34 -0.12 7.05
CA ILE A 442 8.61 0.46 7.53
C ILE A 442 9.81 -0.05 6.71
N ASP A 443 9.67 -1.15 5.97
CA ASP A 443 10.84 -1.71 5.29
C ASP A 443 11.38 -0.84 4.18
N SER A 444 10.59 0.12 3.68
CA SER A 444 11.09 1.01 2.65
C SER A 444 11.79 2.23 3.24
N LEU A 445 11.85 2.32 4.57
CA LEU A 445 12.26 3.54 5.26
C LEU A 445 13.49 3.29 6.13
N TYR A 446 13.40 2.44 7.14
CA TYR A 446 14.60 2.22 7.99
C TYR A 446 15.71 1.47 7.23
N ALA A 447 16.89 1.45 7.87
CA ALA A 447 18.10 0.92 7.22
C ALA A 447 18.39 1.65 5.90
N GLY A 448 17.92 2.89 5.75
CA GLY A 448 18.11 3.61 4.49
C GLY A 448 16.92 3.62 3.55
N THR A 449 16.32 4.78 3.26
CA THR A 449 15.13 4.78 2.41
C THR A 449 15.45 4.24 1.02
N THR A 450 14.38 3.90 0.30
CA THR A 450 14.49 3.40 -1.06
C THR A 450 15.36 4.30 -1.92
N ALA A 451 15.15 5.62 -1.83
CA ALA A 451 15.95 6.53 -2.64
C ALA A 451 17.43 6.42 -2.29
N ILE A 452 17.74 6.25 -1.01
CA ILE A 452 19.12 6.04 -0.59
C ILE A 452 19.65 4.69 -1.12
N GLN A 453 18.79 3.65 -1.14
CA GLN A 453 19.20 2.39 -1.77
C GLN A 453 19.53 2.59 -3.24
N ALA A 454 18.66 3.31 -3.95
CA ALA A 454 18.83 3.49 -5.39
C ALA A 454 20.09 4.32 -5.71
N GLN A 455 20.37 5.32 -4.88
CA GLN A 455 21.57 6.12 -5.04
C GLN A 455 22.82 5.29 -4.73
N ASP A 456 22.78 4.52 -3.63
CA ASP A 456 23.90 3.60 -3.34
C ASP A 456 24.14 2.64 -4.53
N PHE A 457 23.08 1.99 -4.99
CA PHE A 457 23.20 1.03 -6.11
C PHE A 457 23.90 1.66 -7.30
N PHE A 458 23.43 2.84 -7.72
CA PHE A 458 23.98 3.43 -8.94
C PHE A 458 25.33 4.10 -8.70
N PHE A 459 25.42 4.97 -7.68
CA PHE A 459 26.67 5.74 -7.52
C PHE A 459 27.81 4.90 -6.97
N ARG A 460 27.54 4.05 -5.98
CA ARG A 460 28.61 3.29 -5.37
C ARG A 460 28.75 1.87 -5.92
N LYS A 461 27.66 1.16 -6.18
CA LYS A 461 27.77 -0.24 -6.56
C LYS A 461 27.99 -0.44 -8.05
N ILE A 462 27.80 0.60 -8.85
CA ILE A 462 27.99 0.54 -10.30
C ILE A 462 29.09 1.49 -10.73
N ILE A 463 28.91 2.80 -10.55
CA ILE A 463 29.85 3.77 -11.12
C ILE A 463 31.21 3.64 -10.42
N ARG A 464 31.24 3.77 -9.09
CA ARG A 464 32.48 3.61 -8.35
C ARG A 464 33.11 2.25 -8.58
N ASP A 465 32.29 1.24 -8.83
CA ASP A 465 32.75 -0.12 -9.11
C ASP A 465 33.24 -0.29 -10.54
N LYS A 466 33.04 0.73 -11.38
CA LYS A 466 33.27 0.65 -12.83
C LYS A 466 32.54 -0.53 -13.48
N GLY A 467 31.32 -0.81 -12.99
CA GLY A 467 30.50 -1.78 -13.70
C GLY A 467 30.97 -3.22 -13.63
N GLN A 468 31.96 -3.53 -12.79
CA GLN A 468 32.50 -4.89 -12.75
C GLN A 468 31.47 -5.90 -12.25
N ALA A 469 30.94 -5.70 -11.03
CA ALA A 469 29.90 -6.60 -10.54
C ALA A 469 28.70 -6.61 -11.48
N LEU A 470 28.28 -5.44 -11.96
CA LEU A 470 27.10 -5.40 -12.83
C LEU A 470 27.34 -6.19 -14.12
N ALA A 471 28.52 -6.04 -14.72
CA ALA A 471 28.79 -6.78 -15.96
C ALA A 471 28.80 -8.28 -15.72
N TYR A 472 29.31 -8.70 -14.54
CA TYR A 472 29.32 -10.12 -14.21
C TYR A 472 27.90 -10.68 -14.21
N VAL A 473 26.99 -9.99 -13.51
CA VAL A 473 25.62 -10.49 -13.41
C VAL A 473 24.95 -10.49 -14.78
N ALA A 474 25.16 -9.40 -15.53
CA ALA A 474 24.61 -9.33 -16.88
C ALA A 474 25.11 -10.50 -17.77
N GLY A 475 26.38 -10.87 -17.62
CA GLY A 475 26.91 -11.97 -18.40
C GLY A 475 26.26 -13.30 -18.05
N GLU A 476 25.88 -13.50 -16.78
CA GLU A 476 25.18 -14.72 -16.41
C GLU A 476 23.77 -14.76 -16.99
N ILE A 477 23.08 -13.60 -17.03
CA ILE A 477 21.77 -13.53 -17.68
C ILE A 477 21.89 -13.84 -19.16
N GLU A 478 22.84 -13.18 -19.84
CA GLU A 478 23.04 -13.42 -21.27
C GLU A 478 23.38 -14.90 -21.53
N GLN A 479 24.18 -15.52 -20.65
CA GLN A 479 24.47 -16.93 -20.85
C GLN A 479 23.20 -17.77 -20.83
N PHE A 480 22.29 -17.50 -19.88
CA PHE A 480 21.02 -18.21 -19.87
C PHE A 480 20.22 -17.95 -21.13
N ILE A 481 20.18 -16.68 -21.59
CA ILE A 481 19.41 -16.40 -22.80
C ILE A 481 19.98 -17.19 -23.99
N LYS A 482 21.31 -17.31 -24.03
CA LYS A 482 22.05 -18.03 -25.07
C LYS A 482 21.67 -19.50 -25.16
N ASN A 483 21.65 -20.19 -24.01
CA ASN A 483 21.28 -21.62 -23.93
C ASN A 483 22.22 -22.49 -24.74
N GLY A 488 13.66 -24.80 -26.06
CA GLY A 488 12.42 -24.81 -26.84
C GLY A 488 11.15 -24.45 -26.05
N ARG A 489 10.86 -25.22 -25.00
CA ARG A 489 9.77 -24.83 -24.12
C ARG A 489 10.04 -23.53 -23.37
N LEU A 490 11.30 -23.04 -23.33
CA LEU A 490 11.60 -21.74 -22.72
C LEU A 490 12.09 -20.73 -23.75
N LYS A 491 11.81 -20.94 -25.04
CA LYS A 491 12.23 -19.99 -26.07
C LYS A 491 11.56 -18.62 -25.91
N THR A 492 10.25 -18.59 -25.65
CA THR A 492 9.56 -17.31 -25.51
C THR A 492 10.07 -16.53 -24.30
N GLU A 493 10.25 -17.20 -23.17
CA GLU A 493 10.80 -16.54 -21.98
C GLU A 493 12.19 -15.97 -22.26
N ARG A 494 13.05 -16.74 -22.94
CA ARG A 494 14.40 -16.24 -23.23
C ARG A 494 14.35 -15.04 -24.17
N GLU A 495 13.41 -15.02 -25.12
CA GLU A 495 13.23 -13.85 -25.96
C GLU A 495 12.78 -12.64 -25.14
N LEU A 496 11.83 -12.84 -24.22
CA LEU A 496 11.39 -11.72 -23.37
C LEU A 496 12.50 -11.28 -22.43
N LEU A 497 13.31 -12.23 -21.94
CA LEU A 497 14.43 -11.84 -21.09
C LEU A 497 15.47 -11.06 -21.86
N ALA A 498 15.68 -11.40 -23.15
CA ALA A 498 16.63 -10.65 -23.97
C ALA A 498 16.16 -9.21 -24.14
N THR A 499 14.86 -9.02 -24.32
CA THR A 499 14.35 -7.65 -24.40
C THR A 499 14.55 -6.91 -23.08
N ALA A 500 14.28 -7.57 -21.96
CA ALA A 500 14.45 -6.92 -20.67
C ALA A 500 15.91 -6.58 -20.38
N LEU A 501 16.84 -7.48 -20.73
CA LEU A 501 18.25 -7.21 -20.51
C LEU A 501 18.71 -6.01 -21.32
N ALA A 502 18.28 -5.91 -22.58
CA ALA A 502 18.63 -4.75 -23.39
C ALA A 502 17.98 -3.47 -22.84
N ASP A 503 16.77 -3.59 -22.30
CA ASP A 503 16.13 -2.42 -21.70
C ASP A 503 16.93 -1.91 -20.53
N VAL A 504 17.34 -2.81 -19.62
CA VAL A 504 18.14 -2.39 -18.44
C VAL A 504 19.47 -1.84 -18.90
N GLN A 505 20.10 -2.49 -19.88
CA GLN A 505 21.34 -1.97 -20.43
C GLN A 505 21.14 -0.53 -20.95
N GLY A 506 20.07 -0.30 -21.73
CA GLY A 506 19.75 1.05 -22.16
C GLY A 506 19.55 2.03 -21.01
N MET A 507 18.86 1.59 -19.95
CA MET A 507 18.69 2.48 -18.81
C MET A 507 20.02 2.87 -18.19
N ALA A 508 20.93 1.88 -17.98
CA ALA A 508 22.22 2.15 -17.36
C ALA A 508 23.03 3.14 -18.19
N ALA A 509 23.00 2.96 -19.52
CA ALA A 509 23.70 3.85 -20.44
C ALA A 509 23.15 5.29 -20.37
N SER A 510 21.82 5.45 -20.44
CA SER A 510 21.24 6.80 -20.31
C SER A 510 21.63 7.46 -19.00
N LEU A 511 21.47 6.76 -17.88
CA LEU A 511 21.77 7.37 -16.59
C LEU A 511 23.27 7.65 -16.46
N THR A 512 24.12 6.77 -17.03
CA THR A 512 25.55 7.08 -16.98
C THR A 512 25.86 8.31 -17.83
N GLY A 513 25.20 8.47 -18.96
CA GLY A 513 25.37 9.68 -19.73
C GLY A 513 24.95 10.94 -18.98
N TYR A 514 23.79 10.91 -18.29
CA TYR A 514 23.40 12.09 -17.52
C TYR A 514 24.44 12.42 -16.46
N LEU A 515 25.02 11.40 -15.82
CA LEU A 515 26.03 11.66 -14.79
C LEU A 515 27.31 12.26 -15.38
N MET A 516 27.82 11.64 -16.45
CA MET A 516 29.08 12.11 -17.03
C MET A 516 28.92 13.50 -17.62
N ALA A 517 27.75 13.82 -18.18
CA ALA A 517 27.55 15.16 -18.74
C ALA A 517 27.43 16.22 -17.66
N ALA A 518 27.28 15.82 -16.38
CA ALA A 518 27.26 16.78 -15.29
C ALA A 518 28.55 17.56 -15.19
N GLN A 519 29.64 17.09 -15.82
CA GLN A 519 30.92 17.80 -15.68
C GLN A 519 30.88 19.13 -16.42
N GLU A 520 30.14 19.21 -17.51
CA GLU A 520 29.97 20.42 -18.29
C GLU A 520 28.65 21.12 -18.04
N ASP A 521 27.71 20.47 -17.34
CA ASP A 521 26.37 21.03 -17.09
C ASP A 521 25.88 20.41 -15.78
N ALA A 522 26.12 21.12 -14.66
CA ALA A 522 25.95 20.54 -13.32
C ALA A 522 24.55 19.95 -13.10
N ALA A 523 23.53 20.67 -13.58
CA ALA A 523 22.13 20.22 -13.38
C ALA A 523 21.82 18.90 -14.10
N SER A 524 22.67 18.45 -15.03
CA SER A 524 22.45 17.15 -15.64
C SER A 524 22.35 16.05 -14.59
N ILE A 525 23.05 16.20 -13.46
CA ILE A 525 23.03 15.14 -12.45
C ILE A 525 21.63 14.88 -11.94
N TYR A 526 20.74 15.86 -12.03
CA TYR A 526 19.44 15.66 -11.41
C TYR A 526 18.67 14.55 -12.16
N LYS A 527 18.92 14.40 -13.47
CA LYS A 527 18.21 13.34 -14.19
C LYS A 527 18.62 11.98 -13.67
N VAL A 528 19.84 11.84 -13.13
CA VAL A 528 20.20 10.60 -12.46
C VAL A 528 19.30 10.39 -11.25
N GLY A 529 19.12 11.45 -10.47
CA GLY A 529 18.25 11.31 -9.30
C GLY A 529 16.82 10.96 -9.69
N LEU A 530 16.33 11.59 -10.75
CA LEU A 530 14.96 11.38 -11.23
C LEU A 530 14.74 9.93 -11.64
N GLY A 531 15.74 9.31 -12.26
CA GLY A 531 15.55 7.94 -12.73
C GLY A 531 16.05 6.82 -11.84
N SER A 532 16.75 7.12 -10.72
CA SER A 532 17.49 6.06 -10.02
C SER A 532 16.57 5.00 -9.43
N VAL A 533 15.47 5.40 -8.80
CA VAL A 533 14.62 4.37 -8.18
C VAL A 533 13.98 3.47 -9.24
N ARG A 534 13.45 4.05 -10.31
CA ARG A 534 12.89 3.21 -11.38
C ARG A 534 13.94 2.25 -11.95
N PHE A 535 15.19 2.71 -12.06
CA PHE A 535 16.27 1.84 -12.52
C PHE A 535 16.49 0.67 -11.56
N LEU A 536 16.61 0.97 -10.26
CA LEU A 536 16.74 -0.09 -9.24
C LEU A 536 15.60 -1.10 -9.34
N MET A 537 14.39 -0.60 -9.53
CA MET A 537 13.26 -1.53 -9.61
C MET A 537 13.31 -2.34 -10.89
N ALA A 538 13.79 -1.74 -11.98
CA ALA A 538 13.87 -2.48 -13.25
C ALA A 538 14.88 -3.62 -13.17
N VAL A 539 16.02 -3.38 -12.50
CA VAL A 539 17.00 -4.45 -12.28
C VAL A 539 16.39 -5.56 -11.44
N GLY A 540 15.60 -5.20 -10.41
CA GLY A 540 14.98 -6.25 -9.61
C GLY A 540 14.00 -7.09 -10.37
N ASP A 541 13.20 -6.45 -11.24
CA ASP A 541 12.30 -7.21 -12.12
C ASP A 541 13.07 -8.11 -13.08
N LEU A 542 14.16 -7.60 -13.68
CA LEU A 542 14.96 -8.43 -14.59
C LEU A 542 15.55 -9.62 -13.84
N LEU A 543 16.09 -9.40 -12.64
CA LEU A 543 16.65 -10.50 -11.85
C LEU A 543 15.58 -11.52 -11.48
N SER A 544 14.42 -11.04 -11.01
CA SER A 544 13.27 -11.90 -10.76
C SER A 544 12.94 -12.78 -11.98
N GLY A 545 12.78 -12.16 -13.16
CA GLY A 545 12.44 -12.93 -14.35
C GLY A 545 13.49 -13.98 -14.68
N TRP A 546 14.76 -13.62 -14.53
CA TRP A 546 15.83 -14.56 -14.89
C TRP A 546 15.85 -15.73 -13.93
N LEU A 547 15.84 -15.45 -12.63
CA LEU A 547 15.88 -16.52 -11.65
C LEU A 547 14.67 -17.42 -11.77
N LEU A 548 13.48 -16.84 -11.96
CA LEU A 548 12.29 -17.69 -12.19
C LEU A 548 12.49 -18.55 -13.43
N ALA A 549 13.07 -17.98 -14.48
CA ALA A 549 13.22 -18.77 -15.69
C ALA A 549 14.26 -19.88 -15.45
N ARG A 550 15.35 -19.59 -14.74
CA ARG A 550 16.28 -20.64 -14.31
C ARG A 550 15.56 -21.71 -13.50
N GLN A 551 14.68 -21.31 -12.56
CA GLN A 551 13.91 -22.31 -11.82
C GLN A 551 13.08 -23.18 -12.75
N ALA A 552 12.43 -22.56 -13.74
CA ALA A 552 11.61 -23.29 -14.71
C ALA A 552 12.45 -24.27 -15.53
N ALA A 553 13.70 -23.92 -15.84
CA ALA A 553 14.56 -24.86 -16.56
C ALA A 553 14.91 -26.07 -15.70
N VAL A 554 15.13 -25.87 -14.38
CA VAL A 554 15.31 -27.02 -13.49
C VAL A 554 14.02 -27.84 -13.38
N ALA A 555 12.86 -27.17 -13.28
CA ALA A 555 11.59 -27.89 -13.18
C ALA A 555 11.34 -28.75 -14.41
N ILE A 556 11.65 -28.23 -15.60
CA ILE A 556 11.50 -28.99 -16.83
C ILE A 556 12.36 -30.25 -16.77
N GLU A 557 13.61 -30.11 -16.30
CA GLU A 557 14.52 -31.26 -16.20
C GLU A 557 13.98 -32.31 -15.24
N LYS A 558 13.44 -31.87 -14.08
CA LYS A 558 12.88 -32.79 -13.11
C LYS A 558 11.58 -33.44 -13.60
N LEU A 559 10.73 -32.69 -14.31
CA LEU A 559 9.53 -33.31 -14.86
C LEU A 559 9.89 -34.34 -15.93
N ASP A 560 10.84 -34.01 -16.80
CA ASP A 560 11.33 -34.97 -17.78
C ASP A 560 11.88 -36.23 -17.12
N ALA A 561 12.55 -36.10 -15.97
CA ALA A 561 13.02 -37.27 -15.25
C ALA A 561 11.93 -38.06 -14.56
N GLY A 562 10.67 -37.66 -14.63
CA GLY A 562 9.58 -38.42 -14.07
C GLY A 562 9.04 -38.00 -12.71
N ALA A 563 9.16 -36.73 -12.33
CA ALA A 563 8.57 -36.29 -11.06
C ALA A 563 7.06 -36.61 -11.03
N THR A 564 6.54 -36.88 -9.85
CA THR A 564 5.13 -37.21 -9.70
C THR A 564 4.53 -36.44 -8.51
N GLY A 565 3.20 -36.48 -8.41
CA GLY A 565 2.56 -36.09 -7.15
C GLY A 565 2.84 -34.65 -6.79
N ALA A 566 3.15 -34.42 -5.52
CA ALA A 566 3.34 -33.05 -5.01
C ALA A 566 4.58 -32.40 -5.63
N ASP A 567 5.64 -33.20 -5.89
CA ASP A 567 6.81 -32.66 -6.60
C ASP A 567 6.40 -32.13 -7.97
N LYS A 568 5.63 -32.93 -8.71
CA LYS A 568 5.22 -32.52 -10.04
C LYS A 568 4.42 -31.22 -10.00
N SER A 569 3.49 -31.10 -9.05
CA SER A 569 2.72 -29.86 -8.95
C SER A 569 3.64 -28.67 -8.71
N PHE A 570 4.60 -28.83 -7.79
CA PHE A 570 5.55 -27.75 -7.49
C PHE A 570 6.26 -27.32 -8.77
N TYR A 571 6.82 -28.30 -9.51
CA TYR A 571 7.57 -27.99 -10.73
C TYR A 571 6.68 -27.35 -11.79
N GLU A 572 5.43 -27.82 -11.93
CA GLU A 572 4.51 -27.17 -12.87
C GLU A 572 4.29 -25.71 -12.50
N GLY A 573 4.20 -25.43 -11.20
CA GLY A 573 3.99 -24.07 -10.76
C GLY A 573 5.17 -23.17 -11.06
N LYS A 574 6.39 -23.72 -11.06
CA LYS A 574 7.55 -22.91 -11.39
C LYS A 574 7.57 -22.53 -12.88
N ILE A 575 7.21 -23.48 -13.74
CA ILE A 575 7.13 -23.20 -15.18
C ILE A 575 6.09 -22.11 -15.44
N ALA A 576 4.91 -22.27 -14.82
CA ALA A 576 3.82 -21.29 -14.96
C ALA A 576 4.22 -19.90 -14.45
N ALA A 577 4.92 -19.84 -13.30
CA ALA A 577 5.28 -18.53 -12.77
C ALA A 577 6.30 -17.82 -13.65
N ALA A 578 7.33 -18.57 -14.12
CA ALA A 578 8.36 -17.98 -15.00
C ALA A 578 7.73 -17.42 -16.27
N SER A 579 6.78 -18.18 -16.84
CA SER A 579 6.11 -17.75 -18.05
C SER A 579 5.20 -16.54 -17.78
N PHE A 580 4.40 -16.59 -16.73
CA PHE A 580 3.55 -15.46 -16.40
C PHE A 580 4.38 -14.20 -16.15
N PHE A 581 5.47 -14.32 -15.38
CA PHE A 581 6.30 -13.17 -15.09
C PHE A 581 6.90 -12.59 -16.36
N ALA A 582 7.45 -13.45 -17.22
CA ALA A 582 8.04 -12.94 -18.46
C ALA A 582 7.01 -12.21 -19.33
N LYS A 583 5.76 -12.69 -19.36
CA LYS A 583 4.79 -12.12 -20.28
C LYS A 583 4.02 -10.93 -19.73
N ASN A 584 3.95 -10.78 -18.40
CA ASN A 584 3.11 -9.76 -17.78
C ASN A 584 3.90 -8.71 -16.99
N MET A 585 5.12 -9.00 -16.52
CA MET A 585 5.96 -8.04 -15.81
C MET A 585 7.11 -7.48 -16.65
N LEU A 586 7.92 -8.34 -17.27
CA LEU A 586 9.08 -7.86 -18.03
C LEU A 586 8.79 -6.81 -19.11
N PRO A 587 7.74 -6.91 -19.93
CA PRO A 587 7.60 -5.96 -21.06
C PRO A 587 7.50 -4.50 -20.64
N LEU A 588 6.99 -4.24 -19.43
CA LEU A 588 6.87 -2.86 -18.94
C LEU A 588 8.23 -2.15 -18.83
N LEU A 589 9.31 -2.91 -18.68
CA LEU A 589 10.64 -2.30 -18.66
C LEU A 589 10.99 -1.60 -19.98
N THR A 590 10.38 -1.99 -21.09
CA THR A 590 10.65 -1.25 -22.34
C THR A 590 10.12 0.18 -22.24
N SER A 591 8.89 0.36 -21.73
CA SER A 591 8.37 1.70 -21.61
C SER A 591 9.17 2.48 -20.59
N THR A 592 9.60 1.82 -19.52
CA THR A 592 10.41 2.49 -18.50
C THR A 592 11.76 2.90 -19.09
N ARG A 593 12.34 2.09 -19.99
CA ARG A 593 13.58 2.54 -20.60
C ARG A 593 13.33 3.82 -21.39
N GLN A 594 12.25 3.84 -22.18
CA GLN A 594 11.99 4.99 -23.02
C GLN A 594 11.66 6.21 -22.18
N ILE A 595 11.00 6.01 -21.04
CA ILE A 595 10.77 7.12 -20.12
C ILE A 595 12.10 7.67 -19.59
N ILE A 596 13.01 6.78 -19.18
CA ILE A 596 14.30 7.22 -18.65
C ILE A 596 15.14 7.93 -19.73
N GLU A 597 15.04 7.48 -20.99
CA GLU A 597 15.79 8.14 -22.06
C GLU A 597 15.28 9.54 -22.37
N ASN A 598 14.11 9.93 -21.85
CA ASN A 598 13.54 11.25 -22.15
C ASN A 598 13.32 12.11 -20.91
N LEU A 599 13.90 11.73 -19.77
CA LEU A 599 13.87 12.54 -18.57
C LEU A 599 14.40 13.95 -18.86
N ASP A 600 13.79 14.95 -18.24
CA ASP A 600 14.29 16.32 -18.39
C ASP A 600 14.17 17.03 -17.04
N ASN A 601 14.71 18.25 -16.96
CA ASN A 601 14.78 18.97 -15.69
C ASN A 601 13.61 19.95 -15.48
N ASP A 602 12.53 19.84 -16.24
CA ASP A 602 11.39 20.74 -16.02
C ASP A 602 10.93 20.72 -14.57
N VAL A 603 10.83 19.52 -13.99
CA VAL A 603 10.31 19.36 -12.65
C VAL A 603 11.27 19.90 -11.62
N MET A 604 12.57 19.97 -11.95
CA MET A 604 13.56 20.59 -11.07
C MET A 604 13.53 22.11 -11.16
N GLU A 605 13.18 22.66 -12.33
CA GLU A 605 13.16 24.11 -12.52
C GLU A 605 11.91 24.77 -11.93
N LEU A 606 10.81 24.01 -11.75
CA LEU A 606 9.54 24.55 -11.32
C LEU A 606 9.68 25.20 -9.96
N ASP A 607 9.09 26.39 -9.79
CA ASP A 607 9.09 27.04 -8.48
C ASP A 607 8.47 26.12 -7.44
N GLU A 608 9.14 25.98 -6.29
CA GLU A 608 8.55 25.20 -5.21
C GLU A 608 7.11 25.60 -4.90
N ALA A 609 6.77 26.89 -5.09
CA ALA A 609 5.42 27.36 -4.76
C ALA A 609 4.37 26.86 -5.75
N ALA A 610 4.78 26.33 -6.92
CA ALA A 610 3.84 25.78 -7.88
C ALA A 610 3.32 24.40 -7.49
N PHE A 611 3.96 23.71 -6.55
CA PHE A 611 3.46 22.39 -6.14
C PHE A 611 2.13 22.55 -5.32
N SER B 2 -5.24 19.22 13.24
CA SER B 2 -5.59 19.85 11.97
C SER B 2 -4.92 19.09 10.83
N HIS B 3 -5.16 17.78 10.78
CA HIS B 3 -4.55 16.92 9.77
C HIS B 3 -5.05 17.29 8.38
N TYR B 4 -6.25 17.85 8.27
CA TYR B 4 -6.90 17.96 6.97
C TYR B 4 -6.43 19.22 6.27
N LYS B 5 -5.86 19.06 5.08
CA LYS B 5 -5.47 20.19 4.25
C LYS B 5 -6.34 20.19 3.01
N SER B 6 -7.12 21.26 2.83
CA SER B 6 -8.14 21.34 1.79
C SER B 6 -7.55 22.01 0.54
N ASN B 7 -8.25 21.87 -0.58
CA ASN B 7 -7.87 22.52 -1.84
C ASN B 7 -9.10 23.10 -2.56
N VAL B 8 -9.69 24.16 -1.96
CA VAL B 8 -10.81 24.84 -2.62
C VAL B 8 -10.37 25.46 -3.94
N ARG B 9 -9.18 26.06 -3.95
CA ARG B 9 -8.71 26.73 -5.16
C ARG B 9 -8.76 25.79 -6.37
N ASP B 10 -8.28 24.56 -6.20
CA ASP B 10 -8.33 23.64 -7.34
C ASP B 10 -9.76 23.23 -7.69
N GLN B 11 -10.63 23.09 -6.68
CA GLN B 11 -12.04 22.79 -6.94
C GLN B 11 -12.70 23.86 -7.80
N VAL B 12 -12.51 25.12 -7.43
CA VAL B 12 -13.11 26.25 -8.14
C VAL B 12 -12.52 26.36 -9.54
N PHE B 13 -11.21 26.14 -9.64
CA PHE B 13 -10.56 26.10 -10.94
C PHE B 13 -11.25 25.10 -11.85
N ASN B 14 -11.45 23.84 -11.38
CA ASN B 14 -12.17 22.85 -12.20
C ASN B 14 -13.60 23.29 -12.50
N LEU B 15 -14.34 23.68 -11.45
CA LEU B 15 -15.76 23.94 -11.62
C LEU B 15 -16.02 25.11 -12.56
N PHE B 16 -15.18 26.15 -12.48
CA PHE B 16 -15.49 27.40 -13.19
C PHE B 16 -14.59 27.62 -14.40
N GLU B 17 -13.27 27.49 -14.26
CA GLU B 17 -12.37 27.81 -15.37
C GLU B 17 -12.24 26.66 -16.36
N VAL B 18 -12.41 25.41 -15.93
CA VAL B 18 -12.27 24.27 -16.84
C VAL B 18 -13.63 23.84 -17.41
N PHE B 19 -14.57 23.48 -16.52
CA PHE B 19 -15.81 22.86 -16.96
C PHE B 19 -16.96 23.85 -17.15
N GLY B 20 -16.86 25.05 -16.60
CA GLY B 20 -17.90 26.04 -16.80
C GLY B 20 -19.20 25.72 -16.10
N VAL B 21 -19.15 25.07 -14.93
CA VAL B 21 -20.40 24.76 -14.22
C VAL B 21 -21.11 26.04 -13.79
N ASP B 22 -20.40 27.17 -13.70
CA ASP B 22 -21.08 28.40 -13.34
C ASP B 22 -22.05 28.88 -14.42
N LYS B 23 -21.96 28.33 -15.64
CA LYS B 23 -22.90 28.72 -16.69
C LYS B 23 -24.35 28.40 -16.32
N VAL B 24 -24.60 27.39 -15.47
CA VAL B 24 -25.97 27.08 -15.09
C VAL B 24 -26.39 27.73 -13.78
N LEU B 25 -25.46 28.31 -13.01
CA LEU B 25 -25.80 28.88 -11.71
C LEU B 25 -26.60 30.17 -11.91
N GLY B 26 -27.70 30.30 -11.18
CA GLY B 26 -28.63 31.40 -11.37
C GLY B 26 -29.62 31.22 -12.51
N ALA B 27 -29.70 30.04 -13.11
CA ALA B 27 -30.68 29.79 -14.18
C ALA B 27 -31.38 28.45 -13.97
N ASP B 28 -32.68 28.42 -14.28
CA ASP B 28 -33.48 27.18 -14.31
C ASP B 28 -33.47 26.57 -12.91
N LYS B 29 -33.14 25.28 -12.75
CA LYS B 29 -33.20 24.59 -11.46
C LYS B 29 -32.33 25.28 -10.39
N PHE B 30 -31.26 25.95 -10.79
CA PHE B 30 -30.35 26.63 -9.87
C PHE B 30 -30.52 28.13 -9.88
N SER B 31 -31.76 28.59 -10.08
CA SER B 31 -32.02 30.02 -10.24
C SER B 31 -31.64 30.82 -9.01
N ASP B 32 -31.72 30.23 -7.82
CA ASP B 32 -31.49 30.97 -6.60
C ASP B 32 -30.10 30.72 -6.00
N LEU B 33 -29.17 30.19 -6.80
CA LEU B 33 -27.81 29.95 -6.34
C LEU B 33 -26.85 30.52 -7.39
N ASP B 34 -26.09 31.55 -7.02
CA ASP B 34 -25.18 32.20 -7.94
C ASP B 34 -23.75 31.74 -7.67
N ALA B 35 -22.84 32.15 -8.57
CA ALA B 35 -21.46 31.65 -8.53
C ALA B 35 -20.74 32.09 -7.26
N ASP B 36 -20.98 33.33 -6.83
CA ASP B 36 -20.40 33.80 -5.57
C ASP B 36 -20.86 32.95 -4.40
N THR B 37 -22.14 32.60 -4.36
CA THR B 37 -22.64 31.80 -3.25
C THR B 37 -22.01 30.40 -3.24
N ALA B 38 -21.90 29.77 -4.41
CA ALA B 38 -21.23 28.48 -4.51
C ALA B 38 -19.82 28.55 -3.95
N ARG B 39 -19.08 29.60 -4.30
CA ARG B 39 -17.70 29.75 -3.83
C ARG B 39 -17.65 29.90 -2.31
N GLU B 40 -18.62 30.63 -1.73
CA GLU B 40 -18.67 30.82 -0.29
C GLU B 40 -19.03 29.53 0.45
N MET B 41 -19.97 28.74 -0.09
CA MET B 41 -20.24 27.43 0.49
C MET B 41 -18.98 26.54 0.54
N LEU B 42 -18.20 26.50 -0.55
CA LEU B 42 -16.99 25.69 -0.57
C LEU B 42 -16.01 26.11 0.53
N THR B 43 -15.75 27.42 0.61
CA THR B 43 -14.89 27.96 1.67
C THR B 43 -15.45 27.61 3.05
N GLU B 44 -16.77 27.76 3.24
CA GLU B 44 -17.38 27.50 4.52
C GLU B 44 -17.23 26.04 4.92
N ILE B 45 -17.57 25.10 4.04
CA ILE B 45 -17.47 23.72 4.47
C ILE B 45 -16.02 23.32 4.58
N ALA B 46 -15.15 23.92 3.77
CA ALA B 46 -13.72 23.60 3.89
C ALA B 46 -13.20 24.01 5.26
N ARG B 47 -13.59 25.22 5.72
CA ARG B 47 -13.17 25.66 7.05
C ARG B 47 -13.74 24.78 8.14
N LEU B 48 -15.02 24.42 8.04
CA LEU B 48 -15.61 23.54 9.04
C LEU B 48 -14.93 22.16 9.01
N ALA B 49 -14.65 21.66 7.81
CA ALA B 49 -13.93 20.39 7.71
C ALA B 49 -12.55 20.48 8.38
N GLU B 50 -11.81 21.57 8.13
CA GLU B 50 -10.47 21.70 8.72
C GLU B 50 -10.54 21.88 10.23
N GLY B 51 -11.67 22.34 10.76
CA GLY B 51 -11.77 22.59 12.18
C GLY B 51 -12.50 21.46 12.87
N PRO B 52 -13.77 21.71 13.21
CA PRO B 52 -14.54 20.75 14.04
C PRO B 52 -14.66 19.35 13.47
N ILE B 53 -14.72 19.16 12.14
CA ILE B 53 -14.85 17.81 11.58
C ILE B 53 -13.51 17.06 11.68
N ALA B 54 -12.42 17.66 11.20
CA ALA B 54 -11.10 17.04 11.32
C ALA B 54 -10.64 16.85 12.76
N GLU B 55 -11.18 17.65 13.68
CA GLU B 55 -10.75 17.60 15.09
C GLU B 55 -10.80 16.20 15.70
N SER B 56 -11.80 15.39 15.33
CA SER B 56 -11.96 14.07 15.94
C SER B 56 -11.47 12.94 15.03
N PHE B 57 -10.74 13.25 13.97
CA PHE B 57 -10.25 12.25 13.02
C PHE B 57 -9.40 11.21 13.74
N VAL B 58 -8.41 11.68 14.51
CA VAL B 58 -7.55 10.79 15.29
C VAL B 58 -8.35 10.10 16.40
N GLU B 59 -9.23 10.83 17.11
CA GLU B 59 -9.96 10.24 18.24
C GLU B 59 -10.77 9.03 17.77
N GLY B 60 -11.41 9.13 16.61
CA GLY B 60 -12.28 8.04 16.15
C GLY B 60 -11.49 6.77 15.90
N ASP B 61 -10.23 6.93 15.49
CA ASP B 61 -9.35 5.77 15.23
C ASP B 61 -8.77 5.22 16.52
N ARG B 62 -8.37 6.12 17.46
CA ARG B 62 -7.68 5.64 18.67
C ARG B 62 -8.66 5.22 19.76
N ASN B 63 -9.89 5.73 19.77
CA ASN B 63 -10.90 5.41 20.77
C ASN B 63 -12.18 4.97 20.05
N PRO B 64 -12.16 3.81 19.41
CA PRO B 64 -13.19 3.45 18.45
C PRO B 64 -14.45 2.96 19.13
N PRO B 65 -15.55 2.81 18.38
CA PRO B 65 -16.84 2.46 18.99
C PRO B 65 -16.78 1.17 19.79
N VAL B 66 -17.58 1.12 20.85
CA VAL B 66 -17.62 -0.06 21.71
C VAL B 66 -19.03 -0.64 21.65
N PHE B 67 -19.13 -1.95 21.51
CA PHE B 67 -20.41 -2.62 21.31
C PHE B 67 -20.89 -3.22 22.63
N ASP B 68 -22.16 -2.98 22.98
CA ASP B 68 -22.79 -3.70 24.08
C ASP B 68 -23.68 -4.78 23.49
N PRO B 69 -23.32 -6.07 23.59
CA PRO B 69 -24.12 -7.10 22.90
C PRO B 69 -25.46 -7.34 23.54
N GLU B 70 -25.70 -6.91 24.78
CA GLU B 70 -27.00 -7.13 25.37
C GLU B 70 -28.00 -6.03 25.05
N THR B 71 -27.55 -4.81 24.86
CA THR B 71 -28.44 -3.79 24.30
C THR B 71 -28.42 -3.76 22.78
N HIS B 72 -27.45 -4.45 22.14
CA HIS B 72 -27.31 -4.43 20.68
C HIS B 72 -27.08 -3.01 20.19
N THR B 73 -26.29 -2.22 20.93
CA THR B 73 -26.03 -0.86 20.51
C THR B 73 -24.54 -0.58 20.57
N VAL B 74 -24.15 0.51 19.92
CA VAL B 74 -22.75 0.94 19.86
C VAL B 74 -22.62 2.30 20.54
N THR B 75 -21.53 2.49 21.29
CA THR B 75 -21.17 3.79 21.84
C THR B 75 -20.06 4.43 20.99
N LEU B 76 -20.34 5.68 20.47
CA LEU B 76 -19.29 6.37 19.72
C LEU B 76 -18.51 7.32 20.63
N PRO B 77 -17.22 7.62 20.33
CA PRO B 77 -16.48 8.59 21.16
C PRO B 77 -17.10 9.98 21.10
N GLU B 78 -17.02 10.69 22.25
CA GLU B 78 -17.70 11.98 22.38
C GLU B 78 -17.21 13.00 21.36
N GLY B 79 -15.90 13.07 21.11
CA GLY B 79 -15.40 14.05 20.16
C GLY B 79 -15.96 13.85 18.77
N PHE B 80 -16.12 12.58 18.33
CA PHE B 80 -16.67 12.32 17.01
C PHE B 80 -18.15 12.71 16.95
N LYS B 81 -18.94 12.44 18.01
CA LYS B 81 -20.34 12.89 18.00
C LYS B 81 -20.45 14.42 17.96
N LYS B 82 -19.49 15.11 18.57
CA LYS B 82 -19.48 16.57 18.49
C LYS B 82 -19.19 17.05 17.06
N SER B 83 -18.27 16.38 16.34
CA SER B 83 -18.10 16.63 14.90
C SER B 83 -19.39 16.37 14.10
N MET B 84 -20.08 15.26 14.38
CA MET B 84 -21.35 14.99 13.71
C MET B 84 -22.35 16.13 13.91
N ARG B 85 -22.46 16.63 15.14
CA ARG B 85 -23.39 17.74 15.39
C ARG B 85 -23.00 19.02 14.66
N ALA B 86 -21.70 19.30 14.54
CA ALA B 86 -21.26 20.42 13.72
C ALA B 86 -21.73 20.26 12.27
N LEU B 87 -21.59 19.06 11.74
CA LEU B 87 -22.10 18.75 10.40
C LEU B 87 -23.59 19.03 10.29
N PHE B 88 -24.39 18.48 11.22
CA PHE B 88 -25.85 18.68 11.18
C PHE B 88 -26.23 20.15 11.37
N ASP B 89 -25.60 20.83 12.32
CA ASP B 89 -25.94 22.22 12.61
C ASP B 89 -25.66 23.14 11.42
N GLY B 90 -24.76 22.76 10.53
CA GLY B 90 -24.55 23.51 9.30
C GLY B 90 -25.44 23.09 8.14
N GLY B 91 -26.29 22.08 8.31
CA GLY B 91 -27.05 21.55 7.20
C GLY B 91 -26.29 20.77 6.17
N TRP B 92 -25.06 20.34 6.49
CA TRP B 92 -24.25 19.68 5.46
C TRP B 92 -24.65 18.23 5.24
N ASP B 93 -25.56 17.67 6.02
CA ASP B 93 -26.19 16.40 5.66
C ASP B 93 -27.31 16.59 4.65
N LYS B 94 -27.49 17.78 4.09
CA LYS B 94 -28.55 18.05 3.14
C LYS B 94 -28.04 18.75 1.88
N VAL B 95 -26.73 18.66 1.63
CA VAL B 95 -26.12 19.10 0.37
C VAL B 95 -26.86 18.49 -0.81
N GLY B 96 -27.38 19.34 -1.68
CA GLY B 96 -28.03 18.83 -2.88
C GLY B 96 -29.25 17.95 -2.67
N LEU B 97 -29.76 17.87 -1.44
CA LEU B 97 -31.06 17.27 -1.22
C LEU B 97 -32.13 18.03 -2.00
N ALA B 98 -33.14 17.31 -2.49
CA ALA B 98 -34.27 17.96 -3.15
C ALA B 98 -34.86 19.05 -2.27
N GLU B 99 -35.19 20.18 -2.90
CA GLU B 99 -35.83 21.30 -2.23
C GLU B 99 -37.04 20.87 -1.40
N HIS B 100 -37.88 19.98 -1.93
CA HIS B 100 -39.06 19.63 -1.17
C HIS B 100 -38.75 18.78 0.06
N LEU B 101 -37.50 18.30 0.21
CA LEU B 101 -37.05 17.60 1.42
C LEU B 101 -36.24 18.50 2.34
N GLY B 102 -36.20 19.81 2.07
CA GLY B 102 -35.38 20.74 2.85
C GLY B 102 -34.02 21.05 2.26
N GLY B 103 -33.74 20.62 1.03
CA GLY B 103 -32.41 20.79 0.47
C GLY B 103 -32.20 22.13 -0.26
N ILE B 104 -30.96 22.38 -0.63
CA ILE B 104 -30.59 23.52 -1.46
C ILE B 104 -30.23 22.96 -2.83
N PRO B 105 -30.99 23.27 -3.88
CA PRO B 105 -30.69 22.68 -5.20
C PRO B 105 -29.37 23.21 -5.75
N MET B 106 -28.61 22.30 -6.36
CA MET B 106 -27.31 22.69 -6.87
C MET B 106 -26.82 21.63 -7.87
N PRO B 107 -25.93 21.98 -8.78
CA PRO B 107 -25.32 20.95 -9.65
C PRO B 107 -24.64 19.87 -8.81
N ARG B 108 -24.69 18.63 -9.32
CA ARG B 108 -24.01 17.54 -8.62
C ARG B 108 -22.50 17.76 -8.53
N ALA B 109 -21.93 18.45 -9.52
CA ALA B 109 -20.49 18.78 -9.46
C ALA B 109 -20.16 19.63 -8.24
N LEU B 110 -21.01 20.61 -7.91
CA LEU B 110 -20.80 21.39 -6.70
C LEU B 110 -21.05 20.56 -5.44
N GLN B 111 -22.09 19.73 -5.48
CA GLN B 111 -22.41 18.90 -4.32
C GLN B 111 -21.23 18.01 -3.95
N TRP B 112 -20.65 17.31 -4.94
CA TRP B 112 -19.55 16.40 -4.60
C TRP B 112 -18.32 17.16 -4.16
N ALA B 113 -18.06 18.34 -4.72
CA ALA B 113 -16.92 19.13 -4.23
C ALA B 113 -17.11 19.56 -2.78
N LEU B 114 -18.33 19.90 -2.38
CA LEU B 114 -18.56 20.22 -0.98
C LEU B 114 -18.32 18.99 -0.12
N ILE B 115 -18.83 17.86 -0.56
CA ILE B 115 -18.70 16.61 0.20
C ILE B 115 -17.22 16.19 0.27
N GLU B 116 -16.45 16.46 -0.79
CA GLU B 116 -15.01 16.12 -0.76
C GLU B 116 -14.36 16.55 0.56
N HIS B 117 -14.74 17.71 1.09
CA HIS B 117 -14.07 18.22 2.30
C HIS B 117 -14.39 17.36 3.52
N ILE B 118 -15.63 16.90 3.65
CA ILE B 118 -15.94 16.04 4.78
C ILE B 118 -15.20 14.72 4.63
N LEU B 119 -15.16 14.17 3.41
CA LEU B 119 -14.50 12.88 3.18
C LEU B 119 -12.99 12.99 3.40
N GLY B 120 -12.41 14.15 3.12
CA GLY B 120 -11.00 14.33 3.43
C GLY B 120 -10.75 14.51 4.93
N ALA B 121 -11.66 15.14 5.65
CA ALA B 121 -11.42 15.47 7.06
C ALA B 121 -11.79 14.35 8.02
N ASN B 122 -12.81 13.53 7.71
CA ASN B 122 -13.30 12.47 8.61
C ASN B 122 -14.36 11.73 7.82
N PRO B 123 -13.98 10.86 6.90
CA PRO B 123 -14.96 10.32 5.93
C PRO B 123 -16.10 9.55 6.56
N ALA B 124 -15.87 8.86 7.69
CA ALA B 124 -16.98 8.17 8.35
C ALA B 124 -18.09 9.13 8.79
N ALA B 125 -17.74 10.40 9.04
CA ALA B 125 -18.79 11.37 9.38
C ALA B 125 -19.77 11.56 8.24
N TYR B 126 -19.26 11.63 7.01
CA TYR B 126 -20.18 11.74 5.90
C TYR B 126 -21.02 10.48 5.77
N MET B 127 -20.42 9.31 5.97
CA MET B 127 -21.17 8.07 5.84
C MET B 127 -22.33 8.01 6.85
N TYR B 128 -22.07 8.31 8.13
CA TYR B 128 -23.18 8.40 9.09
C TYR B 128 -24.24 9.41 8.65
N ALA B 129 -23.85 10.47 7.95
CA ALA B 129 -24.74 11.56 7.57
C ALA B 129 -25.48 11.32 6.25
N MET B 130 -25.44 10.11 5.68
CA MET B 130 -26.07 9.89 4.38
C MET B 130 -27.57 9.57 4.46
N GLY B 131 -28.19 9.63 5.64
CA GLY B 131 -29.60 9.34 5.84
C GLY B 131 -30.54 10.14 4.95
N PRO B 132 -30.41 11.46 4.96
CA PRO B 132 -31.31 12.26 4.11
C PRO B 132 -31.14 11.94 2.65
N GLY B 133 -29.90 11.75 2.17
CA GLY B 133 -29.70 11.26 0.81
C GLY B 133 -30.44 9.96 0.54
N MET B 134 -30.40 9.02 1.49
CA MET B 134 -31.19 7.80 1.33
C MET B 134 -32.69 8.09 1.40
N SER B 135 -33.12 9.01 2.27
CA SER B 135 -34.55 9.34 2.28
C SER B 135 -34.99 9.79 0.90
N GLU B 136 -34.14 10.55 0.21
CA GLU B 136 -34.52 11.04 -1.11
C GLU B 136 -34.65 9.89 -2.10
N ILE B 137 -33.76 8.90 -2.05
CA ILE B 137 -33.89 7.73 -2.95
C ILE B 137 -35.14 6.94 -2.62
N PHE B 138 -35.44 6.77 -1.33
CA PHE B 138 -36.67 6.11 -0.93
C PHE B 138 -37.89 6.88 -1.43
N TYR B 139 -37.85 8.21 -1.28
CA TYR B 139 -38.91 9.06 -1.80
C TYR B 139 -39.16 8.80 -3.30
N ASN B 140 -38.09 8.86 -4.09
CA ASN B 140 -38.21 8.70 -5.54
C ASN B 140 -38.76 7.32 -5.93
N ASN B 141 -38.45 6.28 -5.17
CA ASN B 141 -38.90 4.94 -5.47
C ASN B 141 -40.17 4.55 -4.72
N GLY B 142 -40.69 5.38 -3.85
CA GLY B 142 -41.75 4.96 -2.96
C GLY B 142 -43.16 5.23 -3.51
N THR B 143 -44.15 4.56 -2.90
CA THR B 143 -45.55 4.95 -3.08
C THR B 143 -45.79 6.38 -2.57
N ASP B 144 -46.99 6.92 -2.87
CA ASP B 144 -47.38 8.21 -2.27
C ASP B 144 -47.27 8.19 -0.76
N GLU B 145 -47.81 7.14 -0.13
CA GLU B 145 -47.71 7.05 1.33
C GLU B 145 -46.27 6.95 1.80
N GLN B 146 -45.44 6.15 1.11
CA GLN B 146 -44.02 6.05 1.50
C GLN B 146 -43.33 7.40 1.35
N LYS B 147 -43.71 8.17 0.32
CA LYS B 147 -43.12 9.51 0.13
C LYS B 147 -43.32 10.39 1.37
N LYS B 148 -44.46 10.21 2.05
CA LYS B 148 -44.75 10.91 3.30
C LYS B 148 -43.79 10.47 4.44
N TRP B 149 -43.46 9.18 4.49
CA TRP B 149 -42.49 8.75 5.50
C TRP B 149 -41.10 9.27 5.17
N ALA B 150 -40.73 9.23 3.88
CA ALA B 150 -39.42 9.72 3.46
C ALA B 150 -39.26 11.20 3.78
N THR B 151 -40.35 11.96 3.64
CA THR B 151 -40.33 13.39 3.99
C THR B 151 -40.08 13.59 5.48
N ILE B 152 -40.78 12.81 6.32
CA ILE B 152 -40.53 12.80 7.78
C ILE B 152 -39.07 12.44 8.07
N ALA B 153 -38.59 11.33 7.51
CA ALA B 153 -37.22 10.89 7.76
C ALA B 153 -36.21 11.98 7.42
N ALA B 154 -36.41 12.66 6.31
CA ALA B 154 -35.49 13.72 5.92
C ALA B 154 -35.58 14.90 6.87
N GLU B 155 -36.78 15.29 7.25
CA GLU B 155 -36.94 16.43 8.17
C GLU B 155 -36.41 16.13 9.56
N ARG B 156 -36.52 14.90 10.03
CA ARG B 156 -35.98 14.55 11.33
C ARG B 156 -34.54 14.09 11.26
N GLY B 157 -33.95 14.02 10.07
CA GLY B 157 -32.55 13.63 9.94
C GLY B 157 -32.22 12.22 10.37
N TRP B 158 -33.15 11.27 10.19
CA TRP B 158 -32.89 9.86 10.46
C TRP B 158 -31.64 9.34 9.71
N GLY B 159 -30.92 8.41 10.36
CA GLY B 159 -29.84 7.70 9.70
C GLY B 159 -30.36 6.59 8.77
N ALA B 160 -29.45 6.00 8.01
CA ALA B 160 -29.87 5.01 7.04
C ALA B 160 -28.73 4.03 6.79
N THR B 161 -29.09 2.81 6.40
CA THR B 161 -28.16 1.78 5.96
C THR B 161 -28.63 1.19 4.65
N MET B 162 -27.68 0.61 3.90
CA MET B 162 -27.97 -0.27 2.77
C MET B 162 -27.55 -1.68 3.15
N VAL B 163 -28.48 -2.62 3.07
CA VAL B 163 -28.32 -3.93 3.70
C VAL B 163 -28.45 -5.00 2.61
N LEU B 164 -27.30 -5.41 2.07
CA LEU B 164 -27.16 -6.42 1.03
C LEU B 164 -26.39 -7.65 1.49
N THR B 165 -25.19 -7.45 2.03
CA THR B 165 -24.22 -8.51 2.17
C THR B 165 -24.61 -9.55 3.22
N GLU B 166 -24.37 -10.80 2.90
CA GLU B 166 -24.43 -11.91 3.83
C GLU B 166 -23.07 -12.61 3.82
N PRO B 167 -22.79 -13.50 4.79
CA PRO B 167 -21.51 -14.24 4.74
C PRO B 167 -21.23 -14.92 3.41
N ASP B 168 -22.25 -15.49 2.76
CA ASP B 168 -22.09 -16.18 1.48
C ASP B 168 -22.46 -15.33 0.27
N ALA B 169 -22.81 -14.06 0.46
CA ALA B 169 -23.29 -13.22 -0.65
C ALA B 169 -22.67 -11.84 -0.48
N GLY B 170 -21.49 -11.66 -1.06
CA GLY B 170 -20.78 -10.39 -1.09
C GLY B 170 -20.77 -9.84 -2.51
N SER B 171 -19.80 -10.27 -3.32
CA SER B 171 -19.85 -9.88 -4.72
C SER B 171 -21.08 -10.47 -5.38
N ASP B 172 -21.45 -11.69 -5.00
CA ASP B 172 -22.59 -12.37 -5.62
C ASP B 172 -23.82 -12.06 -4.76
N VAL B 173 -24.32 -10.82 -4.89
CA VAL B 173 -25.48 -10.37 -4.13
C VAL B 173 -26.65 -11.35 -4.27
N GLY B 174 -26.84 -11.88 -5.49
CA GLY B 174 -27.90 -12.81 -5.86
C GLY B 174 -27.94 -14.11 -5.08
N ALA B 175 -26.89 -14.43 -4.33
CA ALA B 175 -26.87 -15.66 -3.54
C ALA B 175 -27.50 -15.49 -2.16
N GLY B 176 -27.93 -14.27 -1.81
CA GLY B 176 -28.42 -14.03 -0.46
C GLY B 176 -29.66 -14.86 -0.15
N ARG B 177 -29.76 -15.27 1.11
CA ARG B 177 -30.83 -16.14 1.60
C ARG B 177 -31.78 -15.45 2.58
N THR B 178 -31.52 -14.22 2.98
CA THR B 178 -32.48 -13.53 3.85
C THR B 178 -33.84 -13.55 3.17
N LYS B 179 -34.89 -13.86 3.92
CA LYS B 179 -36.20 -14.05 3.31
C LYS B 179 -37.21 -13.02 3.80
N ALA B 180 -38.26 -12.86 3.00
CA ALA B 180 -39.38 -11.98 3.30
C ALA B 180 -40.68 -12.78 3.28
N VAL B 181 -41.47 -12.68 4.37
CA VAL B 181 -42.68 -13.48 4.58
C VAL B 181 -43.87 -12.52 4.58
N GLN B 182 -44.76 -12.65 3.59
CA GLN B 182 -45.83 -11.67 3.48
C GLN B 182 -46.89 -11.89 4.56
N GLN B 183 -47.34 -10.80 5.14
CA GLN B 183 -48.40 -10.78 6.13
C GLN B 183 -49.73 -10.43 5.47
N PRO B 184 -50.85 -10.84 6.08
CA PRO B 184 -52.15 -10.54 5.42
C PRO B 184 -52.38 -9.05 5.21
N ASP B 185 -51.91 -8.22 6.13
CA ASP B 185 -52.12 -6.77 5.97
C ASP B 185 -51.13 -6.11 4.99
N GLY B 186 -50.30 -6.84 4.25
CA GLY B 186 -49.45 -6.24 3.23
C GLY B 186 -48.03 -5.87 3.69
N THR B 187 -47.76 -5.82 4.99
CA THR B 187 -46.36 -5.72 5.44
C THR B 187 -45.65 -7.06 5.24
N TRP B 188 -44.34 -7.09 5.52
CA TRP B 188 -43.54 -8.32 5.42
C TRP B 188 -42.71 -8.50 6.69
N HIS B 189 -42.41 -9.76 7.00
CA HIS B 189 -41.49 -10.09 8.08
C HIS B 189 -40.18 -10.61 7.47
N ILE B 190 -39.07 -9.92 7.78
CA ILE B 190 -37.76 -10.19 7.21
C ILE B 190 -37.00 -11.10 8.16
N GLU B 191 -36.44 -12.18 7.61
CA GLU B 191 -35.75 -13.20 8.41
C GLU B 191 -34.40 -13.53 7.78
N GLY B 192 -33.30 -13.17 8.47
CA GLY B 192 -31.95 -13.56 8.05
C GLY B 192 -30.91 -12.75 8.80
N VAL B 193 -29.65 -13.10 8.57
CA VAL B 193 -28.51 -12.39 9.15
C VAL B 193 -27.72 -11.76 8.01
N LYS B 194 -27.51 -10.45 8.10
CA LYS B 194 -26.70 -9.68 7.16
C LYS B 194 -25.37 -9.32 7.84
N ARG B 195 -24.35 -9.04 7.01
CA ARG B 195 -22.99 -8.86 7.54
C ARG B 195 -22.32 -7.64 6.90
N PHE B 196 -21.38 -7.03 7.64
CA PHE B 196 -20.59 -5.85 7.20
C PHE B 196 -21.45 -4.63 6.95
N ILE B 197 -22.53 -4.43 7.72
CA ILE B 197 -23.46 -3.33 7.46
C ILE B 197 -22.94 -2.05 8.12
N THR B 198 -22.59 -1.06 7.29
CA THR B 198 -22.07 0.20 7.76
C THR B 198 -23.17 0.99 8.46
N SER B 199 -22.92 1.46 9.68
CA SER B 199 -23.79 2.36 10.45
C SER B 199 -25.04 1.67 10.97
N ALA B 200 -25.03 0.34 11.09
CA ALA B 200 -26.26 -0.37 11.45
C ALA B 200 -26.71 -0.01 12.86
N ASP B 201 -25.78 0.38 13.74
CA ASP B 201 -26.16 1.20 14.88
C ASP B 201 -25.21 2.39 14.95
N SER B 202 -25.68 3.48 15.58
CA SER B 202 -24.93 4.72 15.57
C SER B 202 -25.15 5.49 16.86
N ASP B 203 -25.23 4.77 17.97
CA ASP B 203 -25.31 5.42 19.29
C ASP B 203 -26.54 6.30 19.27
N ASP B 204 -26.47 7.52 19.83
CA ASP B 204 -27.62 8.41 19.92
C ASP B 204 -27.58 9.55 18.90
N LEU B 205 -26.86 9.37 17.80
CA LEU B 205 -26.78 10.41 16.77
C LEU B 205 -28.15 10.74 16.20
N PHE B 206 -29.00 9.71 16.01
CA PHE B 206 -30.31 9.88 15.35
C PHE B 206 -31.44 9.30 16.22
N GLU B 207 -32.64 9.79 15.96
CA GLU B 207 -33.77 9.18 16.64
C GLU B 207 -34.27 7.92 15.96
N ASN B 208 -33.85 7.63 14.72
CA ASN B 208 -34.27 6.42 14.04
C ASN B 208 -33.26 6.15 12.92
N ILE B 209 -33.27 4.91 12.43
CA ILE B 209 -32.45 4.49 11.28
C ILE B 209 -33.36 3.74 10.31
N MET B 210 -33.32 4.13 9.03
CA MET B 210 -34.00 3.39 7.97
C MET B 210 -33.04 2.36 7.37
N HIS B 211 -33.28 1.06 7.61
CA HIS B 211 -32.54 -0.01 6.95
C HIS B 211 -33.26 -0.31 5.64
N LEU B 212 -32.54 -0.17 4.53
CA LEU B 212 -33.07 -0.57 3.22
C LEU B 212 -32.48 -1.95 2.93
N VAL B 213 -33.31 -2.99 2.99
CA VAL B 213 -32.86 -4.38 3.10
C VAL B 213 -33.27 -5.17 1.86
N LEU B 214 -32.30 -5.79 1.19
CA LEU B 214 -32.61 -6.80 0.16
C LEU B 214 -32.97 -8.14 0.80
N ALA B 215 -34.10 -8.73 0.37
CA ALA B 215 -34.52 -10.03 0.88
C ALA B 215 -35.29 -10.71 -0.24
N ARG B 216 -35.37 -12.03 -0.18
CA ARG B 216 -36.05 -12.81 -1.20
C ARG B 216 -37.46 -13.19 -0.71
N PRO B 217 -38.52 -12.70 -1.33
CA PRO B 217 -39.86 -13.17 -0.90
C PRO B 217 -39.96 -14.67 -1.03
N GLU B 218 -40.68 -15.29 -0.08
CA GLU B 218 -40.92 -16.73 -0.18
C GLU B 218 -41.44 -17.10 -1.56
N GLY B 219 -40.85 -18.13 -2.16
CA GLY B 219 -41.23 -18.61 -3.48
C GLY B 219 -40.74 -17.79 -4.67
N ALA B 220 -40.02 -16.70 -4.45
CA ALA B 220 -39.45 -15.95 -5.56
C ALA B 220 -38.29 -16.75 -6.18
N GLY B 221 -37.94 -16.37 -7.40
CA GLY B 221 -36.92 -17.08 -8.13
C GLY B 221 -35.53 -16.73 -7.62
N PRO B 222 -34.51 -17.30 -8.26
CA PRO B 222 -33.15 -17.18 -7.73
C PRO B 222 -32.40 -15.96 -8.26
N GLY B 223 -31.17 -15.74 -7.76
CA GLY B 223 -30.36 -14.64 -8.25
C GLY B 223 -30.86 -13.27 -7.81
N THR B 224 -30.25 -12.24 -8.38
CA THR B 224 -30.66 -10.88 -8.02
C THR B 224 -32.05 -10.56 -8.51
N LYS B 225 -32.48 -11.18 -9.62
CA LYS B 225 -33.79 -10.82 -10.13
C LYS B 225 -34.93 -11.25 -9.20
N GLY B 226 -34.70 -12.25 -8.31
CA GLY B 226 -35.68 -12.61 -7.29
C GLY B 226 -35.71 -11.76 -6.04
N LEU B 227 -34.84 -10.76 -5.89
CA LEU B 227 -34.76 -10.03 -4.65
C LEU B 227 -35.69 -8.83 -4.69
N SER B 228 -36.24 -8.48 -3.51
CA SER B 228 -37.05 -7.29 -3.32
C SER B 228 -36.38 -6.41 -2.29
N LEU B 229 -36.74 -5.12 -2.28
CA LEU B 229 -36.14 -4.12 -1.39
C LEU B 229 -37.18 -3.68 -0.38
N PHE B 230 -36.79 -3.67 0.90
CA PHE B 230 -37.69 -3.41 2.02
C PHE B 230 -37.23 -2.25 2.90
N PHE B 231 -38.17 -1.42 3.28
CA PHE B 231 -37.97 -0.35 4.27
C PHE B 231 -38.18 -0.97 5.66
N VAL B 232 -37.10 -1.12 6.43
CA VAL B 232 -37.11 -1.75 7.74
C VAL B 232 -36.57 -0.74 8.76
N PRO B 233 -37.46 -0.01 9.45
CA PRO B 233 -37.00 1.02 10.39
C PRO B 233 -36.52 0.39 11.70
N LYS B 234 -35.50 1.01 12.30
CA LYS B 234 -35.03 0.54 13.60
C LYS B 234 -36.17 0.57 14.62
N PHE B 235 -36.93 1.65 14.63
CA PHE B 235 -38.09 1.82 15.48
C PHE B 235 -39.33 1.96 14.59
N HIS B 236 -40.41 1.26 14.96
CA HIS B 236 -41.71 1.66 14.43
C HIS B 236 -41.97 3.13 14.76
N PHE B 237 -42.85 3.75 13.97
CA PHE B 237 -43.16 5.14 14.18
C PHE B 237 -44.56 5.41 13.67
N ASP B 238 -45.11 6.52 14.15
CA ASP B 238 -46.41 7.01 13.71
C ASP B 238 -46.28 7.50 12.28
N HIS B 239 -46.96 6.82 11.34
CA HIS B 239 -46.80 7.18 9.94
C HIS B 239 -47.36 8.57 9.62
N GLU B 240 -48.15 9.18 10.50
CA GLU B 240 -48.63 10.53 10.22
C GLU B 240 -47.72 11.61 10.81
N THR B 241 -47.25 11.44 12.05
CA THR B 241 -46.48 12.49 12.72
C THR B 241 -44.98 12.20 12.82
N GLY B 242 -44.56 10.96 12.65
CA GLY B 242 -43.17 10.66 12.81
C GLY B 242 -42.74 10.32 14.21
N GLU B 243 -43.65 10.40 15.19
CA GLU B 243 -43.35 10.08 16.58
C GLU B 243 -42.86 8.64 16.72
N ILE B 244 -41.76 8.47 17.46
CA ILE B 244 -41.09 7.18 17.50
C ILE B 244 -41.86 6.21 18.40
N GLY B 245 -42.01 4.97 17.93
CA GLY B 245 -42.75 3.95 18.63
C GLY B 245 -41.91 2.79 19.13
N GLU B 246 -42.46 1.58 19.00
CA GLU B 246 -41.84 0.38 19.53
C GLU B 246 -40.61 -0.04 18.72
N ARG B 247 -39.62 -0.61 19.40
CA ARG B 247 -38.46 -1.18 18.71
C ARG B 247 -38.90 -2.30 17.77
N ASN B 248 -38.44 -2.21 16.52
CA ASN B 248 -38.62 -3.20 15.46
C ASN B 248 -37.52 -4.25 15.58
N GLY B 249 -37.80 -5.44 15.05
CA GLY B 249 -37.02 -6.64 15.34
C GLY B 249 -35.71 -6.76 14.57
N VAL B 250 -34.92 -5.69 14.53
CA VAL B 250 -33.70 -5.67 13.70
C VAL B 250 -32.54 -5.21 14.63
N PHE B 251 -31.60 -6.12 14.92
CA PHE B 251 -30.65 -5.93 15.99
C PHE B 251 -29.22 -6.20 15.55
N VAL B 252 -28.32 -5.26 15.85
CA VAL B 252 -26.88 -5.48 15.64
C VAL B 252 -26.42 -6.55 16.61
N THR B 253 -25.73 -7.57 16.10
CA THR B 253 -25.23 -8.68 16.91
C THR B 253 -23.71 -8.80 16.85
N ASN B 254 -23.02 -7.93 16.11
CA ASN B 254 -21.57 -7.88 16.23
C ASN B 254 -21.07 -6.63 15.53
N VAL B 255 -19.87 -6.18 15.90
CA VAL B 255 -19.21 -5.02 15.30
C VAL B 255 -17.77 -5.44 14.97
N GLU B 256 -17.36 -5.26 13.71
CA GLU B 256 -16.07 -5.79 13.25
C GLU B 256 -14.91 -4.97 13.79
N HIS B 257 -13.75 -5.64 13.96
CA HIS B 257 -12.47 -4.98 14.28
C HIS B 257 -11.71 -4.84 12.96
N LYS B 258 -11.47 -3.61 12.49
CA LYS B 258 -11.00 -3.33 11.14
C LYS B 258 -9.60 -2.71 11.14
N MET B 259 -8.96 -2.81 9.97
CA MET B 259 -7.66 -2.18 9.78
C MET B 259 -7.72 -0.66 9.92
N GLY B 260 -8.79 -0.04 9.41
CA GLY B 260 -8.95 1.38 9.41
C GLY B 260 -10.42 1.72 9.38
N LEU B 261 -10.74 2.98 9.11
CA LEU B 261 -12.15 3.44 9.16
C LEU B 261 -12.85 2.96 10.43
N LYS B 262 -12.09 2.93 11.54
CA LYS B 262 -12.56 2.26 12.76
C LYS B 262 -13.79 2.93 13.35
N VAL B 263 -13.94 4.24 13.20
CA VAL B 263 -15.11 4.90 13.82
C VAL B 263 -16.41 4.61 13.09
N SER B 264 -16.37 4.00 11.90
CA SER B 264 -17.60 3.55 11.19
C SER B 264 -17.98 2.16 11.72
N ALA B 265 -19.03 2.08 12.52
CA ALA B 265 -19.41 0.77 13.05
C ALA B 265 -19.89 -0.13 11.91
N THR B 266 -19.23 -1.26 11.73
CA THR B 266 -19.47 -2.20 10.63
C THR B 266 -20.01 -3.46 11.26
N CYS B 267 -21.29 -3.80 10.96
CA CYS B 267 -22.08 -4.61 11.90
C CYS B 267 -22.69 -5.85 11.29
N GLU B 268 -22.70 -6.93 12.05
CA GLU B 268 -23.60 -8.01 11.76
C GLU B 268 -25.01 -7.59 12.18
N LEU B 269 -26.00 -7.74 11.29
CA LEU B 269 -27.37 -7.26 11.54
C LEU B 269 -28.38 -8.42 11.44
N SER B 270 -29.03 -8.77 12.55
CA SER B 270 -29.92 -9.92 12.63
C SER B 270 -31.37 -9.44 12.54
N LEU B 271 -32.11 -9.99 11.59
CA LEU B 271 -33.49 -9.61 11.34
C LEU B 271 -34.42 -10.74 11.74
N GLY B 272 -35.33 -10.47 12.68
CA GLY B 272 -36.31 -11.45 13.08
C GLY B 272 -35.75 -12.66 13.81
N GLN B 273 -34.58 -12.51 14.46
CA GLN B 273 -33.91 -13.63 15.12
C GLN B 273 -34.07 -13.63 16.63
N HIS B 274 -34.59 -12.55 17.21
CA HIS B 274 -34.73 -12.40 18.65
C HIS B 274 -36.18 -12.46 19.10
N GLY B 275 -37.02 -13.22 18.38
CA GLY B 275 -38.43 -13.38 18.73
C GLY B 275 -39.28 -12.13 18.56
N ILE B 276 -38.77 -11.11 17.88
CA ILE B 276 -39.52 -9.92 17.54
C ILE B 276 -39.49 -9.81 16.04
N PRO B 277 -40.61 -9.70 15.33
CA PRO B 277 -40.53 -9.62 13.87
C PRO B 277 -39.83 -8.33 13.39
N ALA B 278 -39.05 -8.47 12.33
CA ALA B 278 -38.48 -7.35 11.62
C ALA B 278 -39.47 -6.99 10.54
N VAL B 279 -40.36 -6.04 10.84
CA VAL B 279 -41.36 -5.64 9.84
C VAL B 279 -40.71 -4.81 8.74
N GLY B 280 -40.98 -5.18 7.49
CA GLY B 280 -40.52 -4.39 6.36
C GLY B 280 -41.66 -4.05 5.42
N TRP B 281 -41.54 -2.89 4.77
CA TRP B 281 -42.51 -2.45 3.78
C TRP B 281 -41.87 -2.52 2.41
N LEU B 282 -42.56 -3.18 1.47
CA LEU B 282 -42.04 -3.35 0.12
C LEU B 282 -41.87 -1.99 -0.58
N VAL B 283 -40.63 -1.64 -0.96
CA VAL B 283 -40.38 -0.30 -1.49
C VAL B 283 -41.10 -0.13 -2.80
N GLY B 284 -41.88 0.96 -2.90
CA GLY B 284 -42.73 1.27 -4.03
C GLY B 284 -43.86 0.29 -4.24
N GLU B 285 -44.03 -0.62 -3.28
CA GLU B 285 -44.96 -1.75 -3.37
C GLU B 285 -44.87 -2.48 -4.70
N VAL B 286 -43.65 -2.65 -5.21
CA VAL B 286 -43.36 -3.48 -6.38
C VAL B 286 -42.15 -4.34 -6.06
N HIS B 287 -42.05 -5.46 -6.77
CA HIS B 287 -40.92 -6.39 -6.58
C HIS B 287 -39.88 -6.03 -7.63
N ASN B 288 -38.85 -5.27 -7.25
CA ASN B 288 -37.84 -4.78 -8.20
C ASN B 288 -36.54 -4.45 -7.45
N GLY B 289 -36.10 -5.35 -6.56
CA GLY B 289 -35.15 -4.96 -5.52
C GLY B 289 -33.78 -4.57 -6.04
N ILE B 290 -33.23 -5.35 -6.98
CA ILE B 290 -31.84 -5.05 -7.36
C ILE B 290 -31.79 -3.76 -8.15
N ALA B 291 -32.79 -3.49 -8.98
CA ALA B 291 -32.81 -2.22 -9.68
C ALA B 291 -32.97 -1.05 -8.71
N GLN B 292 -33.88 -1.18 -7.74
CA GLN B 292 -34.04 -0.10 -6.76
C GLN B 292 -32.76 0.11 -5.96
N MET B 293 -32.16 -0.98 -5.49
CA MET B 293 -30.97 -0.86 -4.68
C MET B 293 -29.81 -0.26 -5.46
N PHE B 294 -29.74 -0.47 -6.78
CA PHE B 294 -28.66 0.16 -7.53
C PHE B 294 -28.74 1.68 -7.57
N ASP B 295 -29.92 2.30 -7.36
CA ASP B 295 -29.91 3.75 -7.13
C ASP B 295 -28.99 4.12 -5.97
N VAL B 296 -29.03 3.29 -4.93
CA VAL B 296 -28.19 3.51 -3.75
C VAL B 296 -26.74 3.15 -4.07
N ILE B 297 -26.54 2.02 -4.75
CA ILE B 297 -25.17 1.56 -5.02
C ILE B 297 -24.43 2.58 -5.87
N GLU B 298 -25.10 3.19 -6.85
CA GLU B 298 -24.42 4.18 -7.69
C GLU B 298 -23.90 5.34 -6.86
N GLN B 299 -24.71 5.81 -5.92
CA GLN B 299 -24.25 6.90 -5.04
C GLN B 299 -23.10 6.45 -4.15
N ALA B 300 -23.19 5.24 -3.60
CA ALA B 300 -22.14 4.73 -2.73
C ALA B 300 -20.82 4.59 -3.48
N ARG B 301 -20.88 4.16 -4.75
CA ARG B 301 -19.66 4.00 -5.53
C ARG B 301 -19.06 5.35 -5.86
N MET B 302 -19.91 6.34 -6.19
CA MET B 302 -19.40 7.71 -6.36
C MET B 302 -18.73 8.19 -5.10
N MET B 303 -19.35 7.96 -3.94
CA MET B 303 -18.82 8.43 -2.65
C MET B 303 -17.47 7.79 -2.34
N VAL B 304 -17.34 6.47 -2.55
CA VAL B 304 -16.11 5.76 -2.21
C VAL B 304 -14.94 6.24 -3.09
N GLY B 305 -15.20 6.40 -4.40
CA GLY B 305 -14.18 6.98 -5.26
C GLY B 305 -13.80 8.38 -4.82
N THR B 306 -14.80 9.22 -4.54
CA THR B 306 -14.48 10.58 -4.11
C THR B 306 -13.78 10.59 -2.75
N LYS B 307 -14.13 9.63 -1.88
CA LYS B 307 -13.43 9.49 -0.60
C LYS B 307 -11.93 9.21 -0.79
N ALA B 308 -11.61 8.20 -1.60
CA ALA B 308 -10.22 7.89 -1.86
C ALA B 308 -9.47 9.10 -2.42
N ILE B 309 -10.14 9.85 -3.30
CA ILE B 309 -9.49 10.97 -3.96
C ILE B 309 -9.24 12.08 -2.96
N ALA B 310 -10.24 12.36 -2.10
CA ALA B 310 -10.08 13.38 -1.07
C ALA B 310 -8.93 13.05 -0.14
N THR B 311 -8.78 11.77 0.18
CA THR B 311 -7.74 11.34 1.11
C THR B 311 -6.35 11.43 0.49
N LEU B 312 -6.20 11.06 -0.78
CA LEU B 312 -4.91 11.25 -1.44
C LEU B 312 -4.52 12.72 -1.49
N SER B 313 -5.50 13.59 -1.73
CA SER B 313 -5.22 15.02 -1.81
C SER B 313 -4.67 15.56 -0.49
N THR B 314 -5.35 15.28 0.64
CA THR B 314 -4.79 15.75 1.90
C THR B 314 -3.51 15.00 2.26
N GLY B 315 -3.36 13.75 1.83
CA GLY B 315 -2.09 13.09 2.04
C GLY B 315 -0.95 13.80 1.32
N TYR B 316 -1.21 14.20 0.08
CA TYR B 316 -0.21 14.92 -0.70
C TYR B 316 0.12 16.28 -0.06
N LEU B 317 -0.91 17.04 0.33
CA LEU B 317 -0.62 18.37 0.86
C LEU B 317 0.13 18.30 2.19
N ASN B 318 -0.13 17.28 3.01
CA ASN B 318 0.67 17.05 4.20
C ASN B 318 2.12 16.73 3.84
N ALA B 319 2.30 15.82 2.88
CA ALA B 319 3.66 15.47 2.46
C ALA B 319 4.43 16.68 1.95
N LEU B 320 3.77 17.48 1.10
CA LEU B 320 4.39 18.69 0.54
C LEU B 320 4.80 19.66 1.66
N GLU B 321 3.88 19.92 2.60
CA GLU B 321 4.25 20.86 3.67
C GLU B 321 5.39 20.34 4.52
N TYR B 322 5.45 19.03 4.78
CA TYR B 322 6.60 18.45 5.46
C TYR B 322 7.88 18.67 4.66
N ALA B 323 7.82 18.35 3.37
CA ALA B 323 9.02 18.38 2.54
C ALA B 323 9.59 19.79 2.45
N LYS B 324 8.71 20.79 2.42
CA LYS B 324 9.16 22.17 2.35
C LYS B 324 9.97 22.56 3.57
N GLU B 325 9.74 21.89 4.71
CA GLU B 325 10.42 22.28 5.94
C GLU B 325 11.58 21.36 6.34
N ARG B 326 11.61 20.13 5.85
CA ARG B 326 12.61 19.16 6.29
C ARG B 326 13.97 19.40 5.62
N VAL B 327 14.97 19.75 6.39
CA VAL B 327 16.33 19.89 5.88
C VAL B 327 17.05 18.55 6.00
N GLN B 328 17.63 18.06 4.90
CA GLN B 328 18.38 16.81 4.96
C GLN B 328 19.25 16.70 3.72
N GLY B 329 20.57 16.69 3.90
CA GLY B 329 21.47 16.40 2.81
C GLY B 329 21.86 17.65 2.01
N ALA B 330 22.80 17.47 1.09
CA ALA B 330 23.25 18.57 0.25
C ALA B 330 22.53 18.51 -1.09
N ASP B 331 22.57 19.60 -1.84
CA ASP B 331 22.05 19.52 -3.19
C ASP B 331 22.84 18.48 -4.00
N MET B 332 22.14 17.84 -4.94
CA MET B 332 22.80 16.77 -5.69
C MET B 332 24.00 17.29 -6.49
N THR B 333 23.95 18.56 -6.93
CA THR B 333 25.09 19.14 -7.62
C THR B 333 26.29 19.33 -6.72
N GLN B 334 26.13 19.11 -5.40
CA GLN B 334 27.25 19.26 -4.48
C GLN B 334 27.46 18.02 -3.63
N MET B 335 27.03 16.84 -4.12
CA MET B 335 26.92 15.65 -3.26
C MET B 335 28.29 15.16 -2.77
N THR B 336 29.37 15.45 -3.50
CA THR B 336 30.68 14.97 -3.09
C THR B 336 31.34 15.87 -2.05
N ASP B 337 30.84 17.10 -1.88
CA ASP B 337 31.42 18.09 -0.97
C ASP B 337 30.79 17.93 0.40
N LYS B 338 31.52 17.34 1.33
CA LYS B 338 30.95 17.05 2.64
C LYS B 338 30.77 18.30 3.51
N THR B 339 31.17 19.48 3.04
CA THR B 339 30.83 20.74 3.70
C THR B 339 29.80 21.58 2.93
N ALA B 340 29.21 21.07 1.84
CA ALA B 340 28.20 21.83 1.16
C ALA B 340 27.05 22.20 2.11
N PRO B 341 26.36 23.31 1.86
CA PRO B 341 25.15 23.66 2.65
C PRO B 341 24.09 22.56 2.62
N ARG B 342 23.41 22.37 3.75
CA ARG B 342 22.28 21.44 3.77
C ARG B 342 21.06 22.10 3.14
N VAL B 343 20.20 21.30 2.48
CA VAL B 343 19.06 21.85 1.75
C VAL B 343 17.79 21.17 2.22
N THR B 344 16.65 21.87 2.09
CA THR B 344 15.36 21.22 2.30
C THR B 344 15.11 20.17 1.22
N ILE B 345 14.31 19.15 1.55
CA ILE B 345 14.32 17.96 0.71
C ILE B 345 13.60 18.13 -0.59
N THR B 346 12.77 19.19 -0.75
CA THR B 346 12.22 19.51 -2.06
C THR B 346 13.31 19.78 -3.09
N HIS B 347 14.56 19.97 -2.67
CA HIS B 347 15.62 20.15 -3.67
C HIS B 347 16.07 18.84 -4.27
N HIS B 348 15.72 17.73 -3.66
CA HIS B 348 16.24 16.46 -4.16
C HIS B 348 15.38 15.97 -5.32
N PRO B 349 15.99 15.52 -6.43
CA PRO B 349 15.18 14.97 -7.54
C PRO B 349 14.16 13.90 -7.13
N ASP B 350 14.54 12.91 -6.32
CA ASP B 350 13.56 11.84 -6.12
C ASP B 350 12.34 12.36 -5.33
N VAL B 351 12.56 13.31 -4.45
CA VAL B 351 11.42 13.90 -3.71
C VAL B 351 10.52 14.73 -4.63
N ARG B 352 11.11 15.50 -5.54
CA ARG B 352 10.31 16.22 -6.54
C ARG B 352 9.56 15.25 -7.45
N ARG B 353 10.21 14.17 -7.88
CA ARG B 353 9.51 13.12 -8.62
C ARG B 353 8.33 12.60 -7.80
N SER B 354 8.59 12.23 -6.55
CA SER B 354 7.53 11.73 -5.68
C SER B 354 6.38 12.74 -5.58
N LEU B 355 6.71 14.00 -5.22
CA LEU B 355 5.67 15.03 -5.03
C LEU B 355 4.91 15.30 -6.31
N MET B 356 5.61 15.33 -7.46
CA MET B 356 4.85 15.59 -8.70
C MET B 356 3.98 14.39 -9.09
N THR B 357 4.44 13.17 -8.79
CA THR B 357 3.61 12.00 -8.97
C THR B 357 2.35 12.09 -8.10
N GLN B 358 2.50 12.52 -6.85
CA GLN B 358 1.34 12.68 -5.97
C GLN B 358 0.42 13.77 -6.47
N LYS B 359 1.01 14.93 -6.80
CA LYS B 359 0.22 16.07 -7.26
C LYS B 359 -0.57 15.72 -8.50
N ALA B 360 0.10 15.16 -9.50
CA ALA B 360 -0.56 14.91 -10.78
C ALA B 360 -1.69 13.91 -10.62
N TYR B 361 -1.49 12.86 -9.81
CA TYR B 361 -2.58 11.90 -9.64
C TYR B 361 -3.71 12.49 -8.79
N ALA B 362 -3.39 13.20 -7.70
CA ALA B 362 -4.45 13.80 -6.88
C ALA B 362 -5.28 14.77 -7.72
N GLU B 363 -4.61 15.63 -8.47
CA GLU B 363 -5.34 16.62 -9.24
C GLU B 363 -6.05 16.00 -10.43
N GLY B 364 -5.43 15.04 -11.10
CA GLY B 364 -6.11 14.37 -12.20
C GLY B 364 -7.34 13.61 -11.75
N LEU B 365 -7.25 13.00 -10.56
CA LEU B 365 -8.41 12.33 -9.98
C LEU B 365 -9.51 13.31 -9.60
N ARG B 366 -9.15 14.46 -9.02
CA ARG B 366 -10.17 15.48 -8.75
C ARG B 366 -10.88 15.88 -10.04
N ALA B 367 -10.11 16.10 -11.12
CA ALA B 367 -10.77 16.41 -12.39
C ALA B 367 -11.70 15.28 -12.83
N ILE B 368 -11.32 14.02 -12.58
CA ILE B 368 -12.16 12.91 -13.06
C ILE B 368 -13.50 12.88 -12.32
N TYR B 369 -13.49 13.00 -10.99
CA TYR B 369 -14.78 12.88 -10.30
C TYR B 369 -15.66 14.10 -10.59
N LEU B 370 -15.07 15.29 -10.76
CA LEU B 370 -15.87 16.47 -11.12
C LEU B 370 -16.35 16.38 -12.57
N TYR B 371 -15.50 15.94 -13.49
CA TYR B 371 -15.95 15.66 -14.85
C TYR B 371 -17.13 14.69 -14.84
N THR B 372 -17.00 13.59 -14.10
CA THR B 372 -18.07 12.60 -13.99
C THR B 372 -19.36 13.25 -13.49
N ALA B 373 -19.23 14.07 -12.47
CA ALA B 373 -20.40 14.74 -11.89
C ALA B 373 -21.09 15.68 -12.89
N THR B 374 -20.33 16.25 -13.85
CA THR B 374 -20.99 17.16 -14.81
C THR B 374 -21.98 16.42 -15.72
N PHE B 375 -21.95 15.08 -15.76
CA PHE B 375 -22.94 14.31 -16.51
C PHE B 375 -24.08 13.82 -15.63
N GLN B 376 -24.10 14.16 -14.33
CA GLN B 376 -25.14 13.66 -13.44
C GLN B 376 -26.38 14.56 -13.38
N ASP B 377 -26.36 15.74 -13.97
CA ASP B 377 -27.55 16.56 -14.18
C ASP B 377 -27.73 16.78 -15.66
N ALA B 378 -28.95 16.56 -16.16
CA ALA B 378 -29.19 16.76 -17.58
C ALA B 378 -28.91 18.20 -18.00
N GLU B 379 -29.25 19.17 -17.13
CA GLU B 379 -29.06 20.59 -17.44
C GLU B 379 -27.59 20.99 -17.49
N VAL B 380 -26.78 20.46 -16.57
CA VAL B 380 -25.34 20.70 -16.62
C VAL B 380 -24.74 20.02 -17.85
N ALA B 381 -25.08 18.75 -18.07
CA ALA B 381 -24.55 18.04 -19.23
C ALA B 381 -24.92 18.75 -20.53
N GLN B 382 -26.15 19.28 -20.62
CA GLN B 382 -26.54 20.05 -21.80
C GLN B 382 -25.75 21.35 -21.91
N ALA B 383 -25.64 22.10 -20.80
CA ALA B 383 -25.01 23.41 -20.89
C ALA B 383 -23.49 23.33 -21.04
N VAL B 384 -22.81 22.38 -20.38
CA VAL B 384 -21.35 22.39 -20.47
C VAL B 384 -20.77 21.44 -21.52
N HIS B 385 -21.53 20.44 -21.98
CA HIS B 385 -21.05 19.48 -22.98
C HIS B 385 -21.89 19.40 -24.23
N GLY B 386 -23.09 19.97 -24.24
CA GLY B 386 -24.00 19.83 -25.37
C GLY B 386 -24.50 18.43 -25.63
N VAL B 387 -24.68 17.61 -24.59
CA VAL B 387 -25.14 16.23 -24.77
C VAL B 387 -26.50 16.08 -24.14
N ASP B 388 -27.34 15.26 -24.76
CA ASP B 388 -28.70 15.15 -24.26
C ASP B 388 -28.76 14.22 -23.04
N GLY B 389 -29.93 14.18 -22.41
CA GLY B 389 -30.05 13.46 -21.15
C GLY B 389 -29.72 11.98 -21.24
N ASP B 390 -30.08 11.33 -22.36
CA ASP B 390 -29.82 9.89 -22.48
C ASP B 390 -28.32 9.60 -22.51
N LEU B 391 -27.58 10.35 -23.32
CA LEU B 391 -26.15 10.11 -23.44
C LEU B 391 -25.43 10.51 -22.16
N ALA B 392 -25.89 11.58 -21.51
CA ALA B 392 -25.33 11.99 -20.22
C ALA B 392 -25.43 10.86 -19.19
N ALA B 393 -26.59 10.20 -19.14
CA ALA B 393 -26.74 9.10 -18.19
C ALA B 393 -25.82 7.95 -18.54
N ARG B 394 -25.64 7.66 -19.83
CA ARG B 394 -24.77 6.55 -20.18
C ARG B 394 -23.30 6.87 -19.92
N VAL B 395 -22.91 8.15 -20.09
CA VAL B 395 -21.54 8.57 -19.81
C VAL B 395 -21.31 8.56 -18.31
N ASN B 396 -22.24 9.12 -17.53
CA ASN B 396 -22.09 9.00 -16.08
C ASN B 396 -21.90 7.53 -15.67
N ASP B 397 -22.77 6.64 -16.19
CA ASP B 397 -22.67 5.22 -15.83
C ASP B 397 -21.35 4.59 -16.27
N LEU B 398 -20.82 5.02 -17.42
CA LEU B 398 -19.49 4.56 -17.86
C LEU B 398 -18.41 5.00 -16.87
N LEU B 399 -18.50 6.25 -16.37
CA LEU B 399 -17.38 6.78 -15.59
C LEU B 399 -17.41 6.36 -14.14
N LEU B 400 -18.57 5.93 -13.62
CA LEU B 400 -18.64 5.56 -12.20
C LEU B 400 -17.64 4.45 -11.84
N PRO B 401 -17.47 3.37 -12.62
CA PRO B 401 -16.45 2.38 -12.24
C PRO B 401 -15.04 2.92 -12.31
N ILE B 402 -14.77 3.96 -13.11
CA ILE B 402 -13.46 4.62 -13.07
C ILE B 402 -13.28 5.40 -11.77
N VAL B 403 -14.24 6.26 -11.44
CA VAL B 403 -14.17 7.01 -10.18
C VAL B 403 -13.93 6.05 -9.03
N LYS B 404 -14.69 4.96 -8.99
CA LYS B 404 -14.61 4.03 -7.87
C LYS B 404 -13.35 3.14 -7.98
N GLY B 405 -13.23 2.39 -9.09
CA GLY B 405 -12.17 1.39 -9.17
C GLY B 405 -10.78 1.99 -9.34
N PHE B 406 -10.65 2.88 -10.32
CA PHE B 406 -9.36 3.58 -10.53
C PHE B 406 -9.07 4.59 -9.42
N GLY B 407 -10.10 5.28 -8.93
CA GLY B 407 -9.85 6.20 -7.84
C GLY B 407 -9.35 5.50 -6.58
N SER B 408 -10.05 4.45 -6.14
CA SER B 408 -9.61 3.75 -4.91
C SER B 408 -8.22 3.16 -5.07
N GLU B 409 -7.98 2.45 -6.18
CA GLU B 409 -6.68 1.80 -6.35
C GLU B 409 -5.55 2.82 -6.43
N THR B 410 -5.73 3.87 -7.23
CA THR B 410 -4.69 4.87 -7.39
C THR B 410 -4.40 5.61 -6.09
N ALA B 411 -5.44 6.06 -5.38
CA ALA B 411 -5.21 6.86 -4.17
C ALA B 411 -4.37 6.08 -3.16
N TYR B 412 -4.74 4.82 -2.92
CA TYR B 412 -4.03 3.99 -1.95
C TYR B 412 -2.58 3.81 -2.38
N ALA B 413 -2.34 3.57 -3.66
CA ALA B 413 -0.97 3.33 -4.10
C ALA B 413 -0.14 4.60 -4.02
N LYS B 414 -0.73 5.76 -4.35
CA LYS B 414 0.11 6.96 -4.31
C LYS B 414 0.27 7.53 -2.90
N LEU B 415 -0.62 7.18 -1.95
CA LEU B 415 -0.34 7.55 -0.56
C LEU B 415 0.97 6.92 -0.10
N THR B 416 1.36 5.79 -0.68
CA THR B 416 2.68 5.21 -0.37
C THR B 416 3.77 6.24 -0.61
N GLU B 417 3.69 6.99 -1.71
CA GLU B 417 4.65 8.08 -1.96
C GLU B 417 4.53 9.20 -0.93
N SER B 418 3.31 9.58 -0.57
CA SER B 418 3.15 10.58 0.50
C SER B 418 3.84 10.13 1.79
N LEU B 419 3.56 8.92 2.26
CA LEU B 419 4.21 8.46 3.49
C LEU B 419 5.74 8.53 3.35
N GLN B 420 6.28 8.00 2.23
CA GLN B 420 7.73 7.93 2.00
C GLN B 420 8.41 9.29 2.09
N THR B 421 7.70 10.34 1.67
CA THR B 421 8.23 11.71 1.68
C THR B 421 8.60 12.15 3.09
N LEU B 422 7.92 11.60 4.10
CA LEU B 422 8.24 11.95 5.48
C LEU B 422 9.41 11.14 6.04
N GLY B 423 9.96 10.21 5.24
CA GLY B 423 10.99 9.35 5.83
C GLY B 423 10.45 8.53 7.01
N GLY B 424 11.32 8.27 7.99
CA GLY B 424 10.89 7.42 9.10
C GLY B 424 9.72 7.98 9.87
N SER B 425 9.59 9.31 9.90
CA SER B 425 8.48 9.95 10.60
C SER B 425 7.13 9.56 10.00
N GLY B 426 7.12 9.22 8.71
CA GLY B 426 5.88 8.81 8.03
C GLY B 426 5.26 7.54 8.59
N PHE B 427 6.09 6.71 9.25
CA PHE B 427 5.64 5.49 9.92
C PHE B 427 5.03 5.77 11.29
N LEU B 428 5.09 7.01 11.80
CA LEU B 428 4.54 7.35 13.12
C LEU B 428 3.05 7.70 13.06
N GLN B 429 2.30 7.27 14.08
CA GLN B 429 0.92 7.78 14.20
C GLN B 429 0.88 9.29 14.47
N ASP B 430 2.02 9.91 14.81
CA ASP B 430 2.02 11.36 15.06
C ASP B 430 1.61 12.14 13.81
N TYR B 431 1.84 11.57 12.62
CA TYR B 431 1.44 12.16 11.34
C TYR B 431 0.25 11.38 10.78
N PRO B 432 -0.60 12.01 9.96
CA PRO B 432 -1.85 11.33 9.59
C PRO B 432 -1.76 10.38 8.41
N ILE B 433 -0.61 10.26 7.74
CA ILE B 433 -0.59 9.52 6.49
C ILE B 433 -0.77 8.02 6.73
N GLU B 434 -0.25 7.47 7.83
CA GLU B 434 -0.47 6.03 7.97
C GLU B 434 -1.96 5.71 8.23
N GLN B 435 -2.70 6.63 8.87
CA GLN B 435 -4.14 6.43 9.02
C GLN B 435 -4.85 6.65 7.70
N TYR B 436 -4.42 7.63 6.88
CA TYR B 436 -4.98 7.74 5.52
C TYR B 436 -4.87 6.41 4.77
N ILE B 437 -3.70 5.77 4.88
CA ILE B 437 -3.48 4.48 4.21
C ILE B 437 -4.44 3.42 4.75
N ARG B 438 -4.52 3.26 6.07
CA ARG B 438 -5.42 2.29 6.67
C ARG B 438 -6.88 2.59 6.33
N ASP B 439 -7.28 3.86 6.45
CA ASP B 439 -8.68 4.23 6.21
C ASP B 439 -9.07 4.02 4.75
N SER B 440 -8.11 4.09 3.83
CA SER B 440 -8.40 4.04 2.39
C SER B 440 -8.22 2.66 1.78
N LYS B 441 -7.61 1.71 2.48
CA LYS B 441 -7.51 0.32 1.96
C LYS B 441 -8.89 -0.28 1.65
N ILE B 442 -9.90 0.07 2.45
CA ILE B 442 -11.26 -0.49 2.25
C ILE B 442 -11.88 0.00 0.95
N ASP B 443 -11.40 1.11 0.38
CA ASP B 443 -12.10 1.64 -0.79
C ASP B 443 -11.99 0.76 -2.03
N SER B 444 -11.01 -0.14 -2.09
CA SER B 444 -10.93 -1.09 -3.20
C SER B 444 -11.88 -2.29 -3.03
N LEU B 445 -12.59 -2.35 -1.90
CA LEU B 445 -13.32 -3.55 -1.48
C LEU B 445 -14.82 -3.33 -1.35
N TYR B 446 -15.26 -2.43 -0.47
CA TYR B 446 -16.72 -2.18 -0.34
C TYR B 446 -17.29 -1.47 -1.56
N ALA B 447 -18.62 -1.47 -1.60
CA ALA B 447 -19.32 -0.98 -2.78
C ALA B 447 -18.84 -1.68 -4.05
N GLY B 448 -18.38 -2.92 -3.93
CA GLY B 448 -17.97 -3.72 -5.07
C GLY B 448 -16.47 -3.66 -5.34
N THR B 449 -15.80 -4.82 -5.37
CA THR B 449 -14.33 -4.84 -5.47
C THR B 449 -13.89 -4.33 -6.82
N THR B 450 -12.59 -4.02 -6.91
CA THR B 450 -12.05 -3.54 -8.17
C THR B 450 -12.36 -4.50 -9.32
N ALA B 451 -12.28 -5.81 -9.08
CA ALA B 451 -12.59 -6.73 -10.18
C ALA B 451 -14.04 -6.59 -10.60
N ILE B 452 -14.93 -6.35 -9.63
CA ILE B 452 -16.34 -6.15 -9.95
C ILE B 452 -16.52 -4.83 -10.70
N GLN B 453 -15.75 -3.79 -10.34
CA GLN B 453 -15.80 -2.53 -11.09
C GLN B 453 -15.37 -2.74 -12.54
N ALA B 454 -14.28 -3.49 -12.76
CA ALA B 454 -13.76 -3.68 -14.12
C ALA B 454 -14.69 -4.54 -14.97
N GLN B 455 -15.37 -5.49 -14.34
CA GLN B 455 -16.33 -6.34 -15.05
C GLN B 455 -17.58 -5.53 -15.42
N ASP B 456 -18.05 -4.68 -14.51
CA ASP B 456 -19.13 -3.74 -14.81
C ASP B 456 -18.76 -2.84 -15.97
N PHE B 457 -17.54 -2.28 -15.92
CA PHE B 457 -17.08 -1.32 -16.92
C PHE B 457 -17.10 -1.95 -18.32
N PHE B 458 -16.56 -3.15 -18.45
CA PHE B 458 -16.46 -3.77 -19.77
C PHE B 458 -17.80 -4.32 -20.24
N PHE B 459 -18.41 -5.21 -19.45
CA PHE B 459 -19.60 -5.92 -19.94
C PHE B 459 -20.84 -5.03 -19.96
N ARG B 460 -21.08 -4.27 -18.90
CA ARG B 460 -22.29 -3.46 -18.86
C ARG B 460 -22.10 -2.08 -19.46
N LYS B 461 -21.02 -1.37 -19.12
CA LYS B 461 -20.88 0.04 -19.55
C LYS B 461 -20.25 0.18 -20.94
N ILE B 462 -19.67 -0.87 -21.49
CA ILE B 462 -19.16 -0.75 -22.86
C ILE B 462 -19.93 -1.69 -23.80
N ILE B 463 -19.89 -3.01 -23.54
CA ILE B 463 -20.51 -3.95 -24.48
C ILE B 463 -22.03 -3.78 -24.51
N ARG B 464 -22.70 -3.91 -23.35
CA ARG B 464 -24.16 -3.76 -23.36
C ARG B 464 -24.57 -2.38 -23.84
N ASP B 465 -23.70 -1.38 -23.61
CA ASP B 465 -23.94 -0.02 -24.07
C ASP B 465 -23.71 0.14 -25.57
N LYS B 466 -23.18 -0.88 -26.25
CA LYS B 466 -22.78 -0.79 -27.67
C LYS B 466 -21.73 0.31 -27.90
N GLY B 467 -20.94 0.58 -26.86
CA GLY B 467 -19.80 1.47 -26.97
C GLY B 467 -20.12 2.93 -27.14
N GLN B 468 -21.37 3.36 -26.97
CA GLN B 468 -21.75 4.73 -27.32
C GLN B 468 -21.16 5.76 -26.35
N ALA B 469 -21.26 5.52 -25.04
CA ALA B 469 -20.62 6.45 -24.10
C ALA B 469 -19.11 6.46 -24.27
N LEU B 470 -18.50 5.27 -24.40
CA LEU B 470 -17.06 5.20 -24.61
C LEU B 470 -16.64 5.99 -25.85
N ALA B 471 -17.37 5.80 -26.96
CA ALA B 471 -17.03 6.49 -28.20
C ALA B 471 -17.18 7.99 -28.04
N TYR B 472 -18.17 8.42 -27.23
CA TYR B 472 -18.33 9.84 -26.97
C TYR B 472 -17.07 10.39 -26.31
N VAL B 473 -16.64 9.76 -25.19
CA VAL B 473 -15.48 10.28 -24.46
C VAL B 473 -14.26 10.25 -25.35
N ALA B 474 -14.10 9.16 -26.10
CA ALA B 474 -12.92 9.04 -26.98
C ALA B 474 -12.90 10.17 -28.01
N GLY B 475 -14.07 10.54 -28.54
CA GLY B 475 -14.17 11.64 -29.48
C GLY B 475 -13.75 12.98 -28.90
N GLU B 476 -14.04 13.21 -27.60
CA GLU B 476 -13.60 14.43 -26.93
C GLU B 476 -12.08 14.43 -26.74
N ILE B 477 -11.52 13.26 -26.43
CA ILE B 477 -10.08 13.18 -26.29
C ILE B 477 -9.42 13.43 -27.64
N GLU B 478 -9.97 12.84 -28.70
CA GLU B 478 -9.38 13.02 -30.02
C GLU B 478 -9.47 14.49 -30.46
N GLN B 479 -10.57 15.17 -30.12
CA GLN B 479 -10.75 16.58 -30.47
C GLN B 479 -9.71 17.45 -29.80
N PHE B 480 -9.37 17.16 -28.54
CA PHE B 480 -8.30 17.88 -27.87
C PHE B 480 -6.97 17.62 -28.56
N ILE B 481 -6.68 16.37 -28.90
CA ILE B 481 -5.41 16.04 -29.58
C ILE B 481 -5.29 16.80 -30.90
N LYS B 482 -6.39 16.88 -31.66
CA LYS B 482 -6.36 17.51 -32.99
C LYS B 482 -6.18 19.01 -32.91
N ASN B 483 -6.76 19.67 -31.91
CA ASN B 483 -6.59 21.13 -31.83
C ASN B 483 -5.13 21.48 -31.47
N ASN B 487 -1.50 27.39 -30.55
CA ASN B 487 -0.26 27.15 -29.80
C ASN B 487 0.26 25.71 -29.98
N GLY B 488 1.59 25.59 -30.11
CA GLY B 488 2.28 24.32 -30.07
C GLY B 488 3.02 24.01 -28.78
N ARG B 489 2.80 24.79 -27.71
CA ARG B 489 3.43 24.52 -26.42
C ARG B 489 2.95 23.24 -25.76
N LEU B 490 1.84 22.65 -26.23
CA LEU B 490 1.39 21.34 -25.77
C LEU B 490 1.54 20.28 -26.87
N LYS B 491 2.49 20.50 -27.79
CA LYS B 491 2.65 19.57 -28.90
C LYS B 491 3.07 18.20 -28.43
N THR B 492 4.09 18.15 -27.58
CA THR B 492 4.61 16.88 -27.07
C THR B 492 3.56 16.15 -26.23
N GLU B 493 2.83 16.90 -25.38
CA GLU B 493 1.73 16.31 -24.60
C GLU B 493 0.64 15.73 -25.52
N ARG B 494 0.24 16.48 -26.57
CA ARG B 494 -0.77 15.92 -27.47
C ARG B 494 -0.27 14.69 -28.22
N GLU B 495 1.03 14.62 -28.54
CA GLU B 495 1.56 13.41 -29.17
C GLU B 495 1.52 12.23 -28.21
N LEU B 496 1.87 12.46 -26.96
CA LEU B 496 1.81 11.40 -25.97
C LEU B 496 0.36 10.95 -25.74
N LEU B 497 -0.58 11.89 -25.69
CA LEU B 497 -1.99 11.52 -25.55
C LEU B 497 -2.49 10.71 -26.74
N ALA B 498 -2.06 11.08 -27.96
CA ALA B 498 -2.46 10.32 -29.14
C ALA B 498 -1.99 8.87 -29.05
N THR B 499 -0.72 8.67 -28.69
CA THR B 499 -0.24 7.30 -28.45
C THR B 499 -1.08 6.61 -27.38
N ALA B 500 -1.34 7.29 -26.25
CA ALA B 500 -2.15 6.66 -25.19
C ALA B 500 -3.57 6.34 -25.65
N LEU B 501 -4.22 7.26 -26.38
CA LEU B 501 -5.56 6.95 -26.90
C LEU B 501 -5.55 5.72 -27.80
N ALA B 502 -4.55 5.61 -28.68
CA ALA B 502 -4.48 4.42 -29.53
C ALA B 502 -4.18 3.18 -28.70
N ASP B 503 -3.38 3.32 -27.63
CA ASP B 503 -3.12 2.18 -26.76
C ASP B 503 -4.43 1.66 -26.15
N VAL B 504 -5.24 2.57 -25.58
CA VAL B 504 -6.53 2.13 -25.00
C VAL B 504 -7.48 1.61 -26.08
N GLN B 505 -7.53 2.26 -27.24
CA GLN B 505 -8.34 1.69 -28.31
C GLN B 505 -7.88 0.27 -28.67
N GLY B 506 -6.56 0.05 -28.70
CA GLY B 506 -6.05 -1.29 -28.95
C GLY B 506 -6.44 -2.28 -27.87
N MET B 507 -6.42 -1.85 -26.59
CA MET B 507 -6.88 -2.73 -25.52
C MET B 507 -8.34 -3.11 -25.70
N ALA B 508 -9.19 -2.13 -26.00
CA ALA B 508 -10.61 -2.43 -26.16
C ALA B 508 -10.83 -3.41 -27.31
N ALA B 509 -10.13 -3.21 -28.42
CA ALA B 509 -10.25 -4.11 -29.58
C ALA B 509 -9.83 -5.54 -29.21
N SER B 510 -8.71 -5.72 -28.48
CA SER B 510 -8.27 -7.07 -28.10
C SER B 510 -9.30 -7.74 -27.20
N LEU B 511 -9.75 -7.03 -26.17
CA LEU B 511 -10.70 -7.61 -25.25
C LEU B 511 -12.02 -7.96 -25.94
N THR B 512 -12.54 -7.04 -26.77
CA THR B 512 -13.69 -7.34 -27.63
C THR B 512 -13.40 -8.55 -28.51
N GLY B 513 -12.17 -8.66 -29.01
CA GLY B 513 -11.76 -9.83 -29.78
C GLY B 513 -11.89 -11.13 -29.00
N TYR B 514 -11.42 -11.13 -27.74
CA TYR B 514 -11.53 -12.34 -26.93
C TYR B 514 -12.98 -12.67 -26.63
N LEU B 515 -13.79 -11.64 -26.39
CA LEU B 515 -15.21 -11.89 -26.17
C LEU B 515 -15.85 -12.56 -27.40
N MET B 516 -15.60 -12.04 -28.58
CA MET B 516 -16.21 -12.65 -29.75
C MET B 516 -15.67 -14.06 -30.04
N ALA B 517 -14.39 -14.32 -29.75
CA ALA B 517 -13.90 -15.68 -29.84
C ALA B 517 -14.61 -16.62 -28.89
N ALA B 518 -15.20 -16.09 -27.81
CA ALA B 518 -15.87 -16.98 -26.87
C ALA B 518 -17.13 -17.60 -27.46
N GLN B 519 -17.62 -17.08 -28.58
CA GLN B 519 -18.71 -17.75 -29.31
C GLN B 519 -18.33 -19.16 -29.73
N GLU B 520 -17.04 -19.39 -30.00
CA GLU B 520 -16.51 -20.66 -30.51
C GLU B 520 -15.84 -21.49 -29.43
N ASP B 521 -15.13 -20.84 -28.52
CA ASP B 521 -14.34 -21.52 -27.49
C ASP B 521 -14.66 -20.79 -26.18
N ALA B 522 -15.55 -21.37 -25.36
CA ALA B 522 -16.03 -20.64 -24.19
C ALA B 522 -14.89 -20.10 -23.32
N ALA B 523 -13.78 -20.85 -23.24
CA ALA B 523 -12.67 -20.49 -22.36
C ALA B 523 -12.02 -19.19 -22.77
N SER B 524 -12.20 -18.76 -24.01
CA SER B 524 -11.58 -17.51 -24.41
C SER B 524 -12.11 -16.32 -23.60
N ILE B 525 -13.31 -16.44 -23.01
CA ILE B 525 -13.80 -15.33 -22.18
C ILE B 525 -12.86 -15.06 -20.98
N TYR B 526 -12.15 -16.09 -20.50
CA TYR B 526 -11.23 -15.86 -19.39
C TYR B 526 -10.22 -14.77 -19.71
N LYS B 527 -9.83 -14.60 -20.99
CA LYS B 527 -8.83 -13.56 -21.27
C LYS B 527 -9.40 -12.16 -21.04
N VAL B 528 -10.70 -11.95 -21.29
CA VAL B 528 -11.32 -10.69 -20.88
C VAL B 528 -11.16 -10.48 -19.38
N GLY B 529 -11.47 -11.51 -18.60
CA GLY B 529 -11.27 -11.41 -17.16
C GLY B 529 -9.83 -11.12 -16.76
N LEU B 530 -8.86 -11.76 -17.42
CA LEU B 530 -7.45 -11.50 -17.10
C LEU B 530 -7.05 -10.04 -17.35
N GLY B 531 -7.55 -9.46 -18.40
CA GLY B 531 -7.13 -8.12 -18.75
C GLY B 531 -8.03 -6.99 -18.26
N SER B 532 -9.19 -7.30 -17.65
CA SER B 532 -10.20 -6.29 -17.36
C SER B 532 -9.71 -5.21 -16.39
N VAL B 533 -9.05 -5.60 -15.29
CA VAL B 533 -8.62 -4.56 -14.34
C VAL B 533 -7.55 -3.68 -14.98
N ARG B 534 -6.61 -4.28 -15.73
CA ARG B 534 -5.57 -3.47 -16.35
C ARG B 534 -6.18 -2.51 -17.35
N PHE B 535 -7.23 -2.94 -18.04
CA PHE B 535 -7.91 -2.04 -18.98
C PHE B 535 -8.57 -0.88 -18.23
N LEU B 536 -9.28 -1.20 -17.15
CA LEU B 536 -9.92 -0.14 -16.34
C LEU B 536 -8.89 0.90 -15.87
N MET B 537 -7.76 0.43 -15.37
CA MET B 537 -6.73 1.35 -14.90
C MET B 537 -6.12 2.14 -16.05
N ALA B 538 -6.04 1.54 -17.25
CA ALA B 538 -5.48 2.25 -18.40
C ALA B 538 -6.40 3.39 -18.82
N VAL B 539 -7.71 3.15 -18.87
CA VAL B 539 -8.65 4.21 -19.17
C VAL B 539 -8.58 5.34 -18.12
N GLY B 540 -8.40 4.98 -16.85
CA GLY B 540 -8.21 6.02 -15.84
C GLY B 540 -6.96 6.86 -16.08
N ASP B 541 -5.84 6.19 -16.44
CA ASP B 541 -4.61 6.95 -16.74
C ASP B 541 -4.82 7.87 -17.93
N LEU B 542 -5.51 7.37 -18.97
CA LEU B 542 -5.74 8.18 -20.16
C LEU B 542 -6.61 9.39 -19.84
N LEU B 543 -7.68 9.18 -19.08
CA LEU B 543 -8.53 10.31 -18.62
C LEU B 543 -7.77 11.32 -17.74
N SER B 544 -6.97 10.82 -16.80
CA SER B 544 -6.12 11.71 -16.00
C SER B 544 -5.23 12.57 -16.88
N GLY B 545 -4.55 11.94 -17.83
CA GLY B 545 -3.61 12.69 -18.67
C GLY B 545 -4.33 13.67 -19.59
N TRP B 546 -5.50 13.28 -20.12
CA TRP B 546 -6.29 14.21 -20.93
C TRP B 546 -6.77 15.39 -20.08
N LEU B 547 -7.34 15.12 -18.90
CA LEU B 547 -7.92 16.23 -18.13
C LEU B 547 -6.82 17.16 -17.61
N LEU B 548 -5.68 16.61 -17.22
CA LEU B 548 -4.55 17.45 -16.84
C LEU B 548 -4.11 18.35 -18.01
N ALA B 549 -4.03 17.77 -19.23
CA ALA B 549 -3.64 18.56 -20.39
C ALA B 549 -4.67 19.64 -20.70
N ARG B 550 -5.97 19.33 -20.57
CA ARG B 550 -6.98 20.37 -20.66
C ARG B 550 -6.73 21.46 -19.63
N GLN B 551 -6.45 21.06 -18.39
CA GLN B 551 -6.16 22.06 -17.37
C GLN B 551 -4.91 22.86 -17.75
N ALA B 552 -3.92 22.19 -18.36
CA ALA B 552 -2.71 22.90 -18.78
C ALA B 552 -3.03 23.96 -19.84
N ALA B 553 -3.92 23.64 -20.78
CA ALA B 553 -4.30 24.58 -21.84
C ALA B 553 -5.00 25.80 -21.27
N VAL B 554 -5.89 25.60 -20.29
CA VAL B 554 -6.52 26.72 -19.61
C VAL B 554 -5.47 27.55 -18.87
N ALA B 555 -4.57 26.87 -18.15
CA ALA B 555 -3.50 27.57 -17.41
C ALA B 555 -2.60 28.39 -18.34
N ILE B 556 -2.27 27.87 -19.51
CA ILE B 556 -1.49 28.65 -20.47
C ILE B 556 -2.22 29.93 -20.86
N GLU B 557 -3.52 29.82 -21.17
CA GLU B 557 -4.28 31.01 -21.53
C GLU B 557 -4.24 32.03 -20.39
N LYS B 558 -4.37 31.57 -19.16
CA LYS B 558 -4.44 32.50 -18.05
C LYS B 558 -3.06 33.12 -17.76
N LEU B 559 -1.99 32.35 -17.95
CA LEU B 559 -0.65 32.92 -17.84
C LEU B 559 -0.37 33.93 -18.95
N ASP B 560 -0.72 33.58 -20.19
CA ASP B 560 -0.53 34.50 -21.31
C ASP B 560 -1.27 35.82 -21.06
N ALA B 561 -2.46 35.76 -20.44
CA ALA B 561 -3.25 36.96 -20.16
C ALA B 561 -2.59 37.85 -19.10
N GLY B 562 -1.69 37.30 -18.28
CA GLY B 562 -0.95 38.11 -17.35
C GLY B 562 -1.11 37.76 -15.89
N ALA B 563 -1.43 36.50 -15.57
CA ALA B 563 -1.51 36.09 -14.18
C ALA B 563 -0.19 36.36 -13.45
N THR B 564 -0.31 36.73 -12.16
CA THR B 564 0.78 37.09 -11.26
C THR B 564 0.64 36.34 -9.93
N GLY B 565 1.70 36.38 -9.12
CA GLY B 565 1.62 35.89 -7.73
C GLY B 565 1.14 34.45 -7.58
N ALA B 566 0.26 34.25 -6.61
CA ALA B 566 -0.19 32.91 -6.28
C ALA B 566 -0.94 32.28 -7.46
N ASP B 567 -1.74 33.07 -8.18
CA ASP B 567 -2.38 32.54 -9.39
C ASP B 567 -1.33 32.04 -10.37
N LYS B 568 -0.28 32.83 -10.61
CA LYS B 568 0.72 32.38 -11.58
C LYS B 568 1.31 31.03 -11.15
N SER B 569 1.68 30.91 -9.86
CA SER B 569 2.25 29.66 -9.35
C SER B 569 1.30 28.48 -9.55
N PHE B 570 0.01 28.70 -9.25
CA PHE B 570 -0.97 27.66 -9.47
C PHE B 570 -0.96 27.23 -10.93
N TYR B 571 -1.06 28.19 -11.87
CA TYR B 571 -1.13 27.81 -13.28
C TYR B 571 0.15 27.10 -13.74
N GLU B 572 1.31 27.56 -13.24
CA GLU B 572 2.57 26.92 -13.60
C GLU B 572 2.58 25.47 -13.17
N GLY B 573 2.00 25.19 -12.00
CA GLY B 573 1.96 23.82 -11.51
C GLY B 573 1.08 22.92 -12.35
N LYS B 574 0.00 23.46 -12.95
CA LYS B 574 -0.85 22.67 -13.88
C LYS B 574 -0.12 22.28 -15.15
N ILE B 575 0.60 23.23 -15.75
CA ILE B 575 1.44 22.87 -16.91
C ILE B 575 2.44 21.79 -16.54
N ALA B 576 3.16 21.96 -15.42
CA ALA B 576 4.19 20.98 -15.04
C ALA B 576 3.57 19.62 -14.77
N ALA B 577 2.39 19.61 -14.15
CA ALA B 577 1.75 18.34 -13.85
C ALA B 577 1.32 17.62 -15.13
N ALA B 578 0.68 18.34 -16.07
CA ALA B 578 0.23 17.67 -17.27
C ALA B 578 1.42 17.18 -18.07
N SER B 579 2.49 17.96 -18.11
CA SER B 579 3.69 17.53 -18.84
C SER B 579 4.35 16.35 -18.15
N PHE B 580 4.44 16.37 -16.82
CA PHE B 580 5.04 15.24 -16.11
C PHE B 580 4.23 13.96 -16.31
N PHE B 581 2.91 14.07 -16.19
CA PHE B 581 2.06 12.89 -16.35
C PHE B 581 2.17 12.30 -17.75
N ALA B 582 2.15 13.13 -18.80
CA ALA B 582 2.23 12.60 -20.16
C ALA B 582 3.55 11.85 -20.40
N LYS B 583 4.64 12.31 -19.80
CA LYS B 583 5.97 11.81 -20.09
C LYS B 583 6.39 10.65 -19.21
N ASN B 584 5.74 10.43 -18.07
CA ASN B 584 6.16 9.44 -17.07
C ASN B 584 5.12 8.38 -16.77
N MET B 585 3.83 8.71 -16.92
CA MET B 585 2.74 7.77 -16.72
C MET B 585 2.17 7.24 -18.03
N LEU B 586 1.85 8.10 -18.99
CA LEU B 586 1.17 7.60 -20.18
C LEU B 586 1.95 6.56 -20.98
N PRO B 587 3.28 6.67 -21.17
CA PRO B 587 3.94 5.68 -22.06
C PRO B 587 3.79 4.23 -21.60
N LEU B 588 3.73 3.96 -20.29
CA LEU B 588 3.50 2.60 -19.80
C LEU B 588 2.26 1.94 -20.43
N LEU B 589 1.28 2.72 -20.89
CA LEU B 589 0.09 2.10 -21.51
C LEU B 589 0.44 1.34 -22.76
N THR B 590 1.56 1.70 -23.42
CA THR B 590 1.95 0.98 -24.62
C THR B 590 2.34 -0.46 -24.29
N SER B 591 3.18 -0.63 -23.27
CA SER B 591 3.53 -1.97 -22.83
C SER B 591 2.29 -2.72 -22.34
N THR B 592 1.39 -2.02 -21.64
CA THR B 592 0.18 -2.72 -21.17
C THR B 592 -0.68 -3.20 -22.34
N ARG B 593 -0.79 -2.40 -23.41
CA ARG B 593 -1.54 -2.87 -24.59
C ARG B 593 -0.91 -4.13 -25.18
N GLN B 594 0.43 -4.13 -25.35
CA GLN B 594 1.08 -5.33 -25.90
C GLN B 594 0.92 -6.54 -24.96
N ILE B 595 0.94 -6.32 -23.63
CA ILE B 595 0.70 -7.43 -22.71
C ILE B 595 -0.71 -7.99 -22.92
N ILE B 596 -1.70 -7.10 -23.01
CA ILE B 596 -3.09 -7.53 -23.19
C ILE B 596 -3.26 -8.23 -24.54
N GLU B 597 -2.57 -7.76 -25.56
CA GLU B 597 -2.68 -8.43 -26.86
C GLU B 597 -2.13 -9.85 -26.83
N ASN B 598 -1.43 -10.23 -25.78
CA ASN B 598 -0.77 -11.53 -25.76
C ASN B 598 -1.23 -12.40 -24.60
N LEU B 599 -2.31 -12.03 -23.92
CA LEU B 599 -2.85 -12.85 -22.84
C LEU B 599 -3.16 -14.26 -23.33
N ASP B 600 -2.98 -15.25 -22.45
CA ASP B 600 -3.37 -16.62 -22.78
C ASP B 600 -3.87 -17.35 -21.54
N ASN B 601 -4.38 -18.55 -21.77
CA ASN B 601 -5.10 -19.27 -20.74
C ASN B 601 -4.23 -20.24 -19.95
N ASP B 602 -2.90 -20.17 -20.13
CA ASP B 602 -2.01 -21.03 -19.35
C ASP B 602 -2.31 -20.94 -17.86
N VAL B 603 -2.48 -19.71 -17.35
CA VAL B 603 -2.69 -19.54 -15.90
C VAL B 603 -4.05 -20.01 -15.47
N MET B 604 -5.00 -20.11 -16.40
CA MET B 604 -6.30 -20.69 -16.12
C MET B 604 -6.26 -22.22 -16.15
N GLU B 605 -5.37 -22.81 -16.99
CA GLU B 605 -5.29 -24.27 -17.10
C GLU B 605 -4.45 -24.90 -16.00
N LEU B 606 -3.58 -24.14 -15.36
CA LEU B 606 -2.72 -24.67 -14.31
C LEU B 606 -3.53 -25.34 -13.21
N ASP B 607 -3.07 -26.51 -12.78
CA ASP B 607 -3.71 -27.14 -11.61
C ASP B 607 -3.68 -26.21 -10.40
N GLU B 608 -4.81 -26.10 -9.70
CA GLU B 608 -4.82 -25.36 -8.44
C GLU B 608 -3.71 -25.81 -7.49
N ALA B 609 -3.36 -27.11 -7.50
CA ALA B 609 -2.31 -27.64 -6.63
C ALA B 609 -0.92 -27.04 -6.92
N ALA B 610 -0.71 -26.50 -8.12
CA ALA B 610 0.58 -25.94 -8.48
C ALA B 610 0.82 -24.54 -7.94
N PHE B 611 -0.20 -23.84 -7.46
CA PHE B 611 0.05 -22.55 -6.83
C PHE B 611 0.81 -22.73 -5.47
#